data_7E2I
#
_entry.id   7E2I
#
_cell.length_a   1.00
_cell.length_b   1.00
_cell.length_c   1.00
_cell.angle_alpha   90.00
_cell.angle_beta   90.00
_cell.angle_gamma   90.00
#
_symmetry.space_group_name_H-M   'P 1'
#
loop_
_entity.id
_entity.type
_entity.pdbx_description
1 polymer 'Sonic hedgehog protein'
2 polymer 'Protein dispatched homolog 1'
3 non-polymer 'ZINC ION'
4 non-polymer 'CHOLESTEROL HEMISUCCINATE'
5 non-polymer 2-acetamido-2-deoxy-beta-D-glucopyranose
#
loop_
_entity_poly.entity_id
_entity_poly.type
_entity_poly.pdbx_seq_one_letter_code
_entity_poly.pdbx_strand_id
1 'polypeptide(L)'
;MLLLARCLLLVLVSSLLVCSGLACGPGRGFGKRRHPKKLTPLAYKQFIPNVAEKTLGASGRYEGKISRNSERFKELTPNY
NPDIIFKDEENTGADRLMTQRCKDKLNALAISVMNQWPGVKLRVTEGWDEDGHHSEESLHYEGRAVDITTSDRDRSKYGM
LARLAVEAGFDWVYYESKAHIHCSVKAENSVAAKSGGCFPGSATVHLEQGGTKLVKDLSPGDRVLAADDQGRLLYSDFLT
FLDRDDGAKKVFYVIETREPRERLLLTAAHLLFVAPHNDSATGEPEASSGSGPPSGGALGPRALFASRVRPGQRVYVVAE
RDGDRRLLPAAVHSVTLSEEAAGAYAPLTAQGTILINRVLASCYAVIEEHSWAHRAFAPFRLAHALLAALAPARTDRGGD
SGGGDRGGGGGRVALTAPGAADAPGAGATAGIHWYSQLLYQIGTWLLDSEALHPLGMAVKSS
;
G
2 'polypeptide(L)'
;MAMSNGNNDFVVLSNSSIATSAANPSPLTPCDGDHAAQQLTPKEATRTKVSPNGCLQLNGTVKSSFLPLDNQRMPQMLPQ
CCHPCPYHHPLTSHSSHQECHPEAGPAAPSALASCCMQPHSEYSASLCPNHSPVYQTTCCLQPSPSFCLHHPWPDHFQHQ
PVQQHIANIRPSRPFKLPKSYAALIADWPVVVLGMCTMFIVVCALVGVLVPELPDFSDPLLGFEPRGTAIGQRLVTWNNM
VKNTGYKATLANYPFKYADEQAKSHRDDRWSDDHYEREKREVDWNFHKDSFFCDVPSDRYSRVVFTSSGGETLWNLPAIK
SMCNVDNSRIRSHPQFGDLCQRTTAASCCPSWTLGNYIAILNNRSSCQKIVERDVSHTLKLLRTCAKHYQNGTLGPDCWD
MAARRKDQLKCTNVPRKCTKYNAVYQILHYLVDKDFMTPKTADYATPALKYSMLFSPTEKGESMMNIYLDNFENWNSSDG
VTTITGIEFGIKHSLFQDYLLMDTVYPAIAIVIVLLVMCVYTKSMFITLMTMFAIISSLIVSYFLYRVVFHFEFFPFMNL
TALIILVGIGANNAFVLCDVWNYTKFDKPHAETSETVSITLQHAALSMFVTSFTTAAAFYANYVSNITAIRCFGVYAGTA
ILVNYVLMVTWLPAVVVLHERYLLNIFTCFKKPQQQIYDNKSCWTVACQKCHKVLFAISEASRIFFEKVLPCIVIKFRYL
WLFWFLALTVGGAYIVCINPKMKLPSLELSEFQVFRSSHPFERYDAEYKKLFMFERVHHGEELHMPITVIWGVSPEDNGN
PLNPKSKGKLTLDSSFNIASPASQAWILHFCQKLRNQTFFYQTDEQDFTSCFIETFKQWMENQDCDEPALYPCCSHWSFP
YKQEIFELCIKRAIMELERSTGYHLDSKTPGPRFDINDTIRAVVLEFQSTYLFTLAYEKMHQFYKEVDSWISSELSSAPE
GLSNGWFVSNLEFYDLQDSLSDGTLIAMGLSVAVAFSVMLLTTWNIIISLYAIISIAGTIFVTVGSLVLLGWELNVLESV
TISVAVGLSVNFAVHYGVAYRLAPDPDREGKVIFSLSRVGSAMAMAALTTFVAGAMMMPSTVLAYTQLGTFMMLIMCISW
AFATFFFQCMCRCLGPQGTCGQIPLPKKLQCSAFSHALSTSPSDKGQSKTHTINAYHLDPRGPKSELEHEFYELEPLASH
SCTAPEKTTYEETHICSEFFNSQAKNLGMPVHAAYNSELSKSTESDAGSALLQPPLEQHTVCHFFSLNQRCSCPDAYKHL
NYGPHSCQQMGDCLCHQCSPTTSSFVQIQNGVAPLKATHQAVEGFVHPITHIHHCPCLQGRVKPAGMQNSLPRNFFLHPV
QHIQAQEKIGKTNVHSLQRSIEEHLPKMAEPSSFVCRSTGSLLKTCCDPENKQRELCKNRDVSNLESSGGTENKAGGKVE
LSLSQTDASVNSEHFNQNEPKVLFNHLMGEAGCRSCPNNSQSCGRIVRVKCNSVDCQMPNMEANVPAVLTHSELSGESLL
IKTL
;
D
#
# COMPACT_ATOMS: atom_id res chain seq x y z
N LEU A 39 3.78 43.16 23.59
CA LEU A 39 3.01 44.38 23.37
C LEU A 39 3.94 45.56 23.08
N THR A 40 5.11 45.26 22.49
CA THR A 40 6.09 46.30 22.21
C THR A 40 6.14 46.64 20.73
N PRO A 41 6.56 47.85 20.39
CA PRO A 41 6.73 48.20 18.97
C PRO A 41 7.98 47.55 18.39
N LEU A 42 7.85 46.32 17.91
CA LEU A 42 8.96 45.53 17.38
C LEU A 42 9.92 46.37 16.54
N ALA A 43 11.20 46.33 16.90
CA ALA A 43 12.18 47.25 16.38
C ALA A 43 12.52 46.92 14.92
N TYR A 44 13.47 47.69 14.38
CA TYR A 44 13.88 47.53 12.99
C TYR A 44 14.71 46.27 12.83
N LYS A 45 14.37 45.46 11.82
CA LYS A 45 15.09 44.21 11.51
C LYS A 45 15.12 43.28 12.73
N GLN A 46 13.93 42.80 13.10
CA GLN A 46 13.80 41.87 14.22
C GLN A 46 12.93 40.69 13.81
N PHE A 47 13.55 39.51 13.72
CA PHE A 47 12.83 38.27 13.49
C PHE A 47 12.34 37.72 14.83
N ILE A 48 11.06 37.39 14.90
CA ILE A 48 10.49 36.89 16.14
C ILE A 48 10.82 35.41 16.37
N PRO A 49 10.77 34.52 15.38
CA PRO A 49 11.10 33.12 15.67
C PRO A 49 12.59 32.87 15.90
N ASN A 50 13.40 33.92 15.83
CA ASN A 50 14.82 33.96 16.19
C ASN A 50 15.70 33.21 15.19
N VAL A 51 15.16 32.70 14.08
CA VAL A 51 15.92 31.94 13.10
C VAL A 51 15.44 32.33 11.71
N ALA A 52 16.35 32.23 10.73
CA ALA A 52 16.06 32.60 9.35
C ALA A 52 14.82 31.93 8.81
N GLU A 53 14.26 32.52 7.75
CA GLU A 53 12.99 32.05 7.21
C GLU A 53 13.08 30.60 6.74
N LYS A 54 13.96 30.32 5.79
CA LYS A 54 13.94 29.00 5.17
C LYS A 54 14.47 27.96 6.14
N THR A 55 13.67 27.67 7.17
CA THR A 55 14.02 26.73 8.21
C THR A 55 12.75 26.00 8.62
N LEU A 56 12.90 24.76 9.10
CA LEU A 56 11.74 23.98 9.50
C LEU A 56 11.07 24.52 10.75
N GLY A 57 11.65 25.52 11.42
CA GLY A 57 10.99 26.12 12.55
C GLY A 57 9.94 27.12 12.08
N ALA A 58 8.68 26.70 12.11
CA ALA A 58 7.53 27.53 11.77
C ALA A 58 7.50 27.90 10.29
N SER A 59 8.53 27.56 9.53
CA SER A 59 8.49 28.02 8.15
C SER A 59 8.72 26.91 7.13
N GLY A 60 9.61 25.97 7.42
CA GLY A 60 9.89 24.91 6.45
C GLY A 60 10.79 25.42 5.36
N ARG A 61 10.36 25.24 4.11
CA ARG A 61 11.12 25.70 2.97
C ARG A 61 10.25 25.70 1.73
N TYR A 62 10.71 26.45 0.73
CA TYR A 62 9.99 26.59 -0.53
C TYR A 62 9.93 25.26 -1.27
N GLU A 63 8.83 25.04 -1.98
CA GLU A 63 8.63 23.79 -2.70
C GLU A 63 8.52 23.98 -4.20
N GLY A 64 7.61 24.83 -4.69
CA GLY A 64 7.40 24.94 -6.12
C GLY A 64 6.70 26.22 -6.50
N LYS A 65 6.96 26.67 -7.72
CA LYS A 65 6.31 27.86 -8.26
C LYS A 65 4.82 27.63 -8.40
N ILE A 66 4.09 28.73 -8.60
CA ILE A 66 2.65 28.69 -8.83
C ILE A 66 2.33 29.69 -9.94
N SER A 67 1.54 29.26 -10.91
CA SER A 67 1.07 30.13 -11.98
C SER A 67 -0.44 30.24 -11.91
N ARG A 68 -1.02 31.02 -12.82
CA ARG A 68 -2.47 31.09 -12.93
C ARG A 68 -3.07 29.78 -13.43
N ASN A 69 -2.25 28.90 -14.02
CA ASN A 69 -2.73 27.65 -14.58
C ASN A 69 -2.04 26.42 -14.00
N SER A 70 -1.14 26.59 -13.04
CA SER A 70 -0.44 25.45 -12.46
C SER A 70 -1.44 24.50 -11.80
N GLU A 71 -0.94 23.30 -11.44
CA GLU A 71 -1.80 22.32 -10.81
C GLU A 71 -2.08 22.70 -9.36
N ARG A 72 -1.03 22.90 -8.56
CA ARG A 72 -1.20 23.21 -7.14
C ARG A 72 -1.87 24.54 -6.89
N PHE A 73 -2.20 25.31 -7.94
CA PHE A 73 -2.84 26.60 -7.73
C PHE A 73 -4.20 26.45 -7.07
N LYS A 74 -4.82 25.27 -7.15
CA LYS A 74 -6.09 25.07 -6.48
C LYS A 74 -5.99 25.31 -4.99
N GLU A 75 -4.82 25.04 -4.40
CA GLU A 75 -4.63 25.24 -2.97
C GLU A 75 -4.98 26.66 -2.51
N LEU A 76 -5.03 27.62 -3.43
CA LEU A 76 -5.25 29.00 -3.05
C LEU A 76 -6.73 29.35 -3.10
N THR A 77 -7.11 30.28 -2.24
CA THR A 77 -8.48 30.74 -2.08
C THR A 77 -8.48 32.24 -1.94
N PRO A 78 -9.58 32.91 -2.31
CA PRO A 78 -9.67 34.34 -2.05
C PRO A 78 -10.16 34.61 -0.64
N ASN A 79 -9.63 35.69 -0.06
CA ASN A 79 -10.06 36.08 1.28
C ASN A 79 -11.41 36.76 1.23
N TYR A 80 -11.49 37.90 0.55
CA TYR A 80 -12.74 38.62 0.34
C TYR A 80 -13.42 39.00 1.66
N ASN A 81 -12.61 39.33 2.66
CA ASN A 81 -13.15 39.92 3.89
C ASN A 81 -13.30 41.41 3.65
N PRO A 82 -14.53 41.92 3.51
CA PRO A 82 -14.70 43.31 3.09
C PRO A 82 -14.12 44.34 4.05
N ASP A 83 -13.82 43.96 5.28
CA ASP A 83 -13.29 44.92 6.24
C ASP A 83 -11.84 45.29 5.95
N ILE A 84 -11.14 44.52 5.12
CA ILE A 84 -9.75 44.79 4.79
C ILE A 84 -9.67 45.41 3.41
N ILE A 85 -8.74 46.36 3.24
CA ILE A 85 -8.49 47.01 1.95
C ILE A 85 -7.26 46.37 1.33
N PHE A 86 -7.37 46.03 0.05
CA PHE A 86 -6.30 45.36 -0.67
C PHE A 86 -5.53 46.36 -1.53
N LYS A 87 -4.33 45.95 -1.94
CA LYS A 87 -3.54 46.78 -2.86
C LYS A 87 -3.97 46.55 -4.30
N ASP A 88 -3.79 45.32 -4.79
CA ASP A 88 -4.24 44.92 -6.13
C ASP A 88 -3.68 45.83 -7.22
N GLU A 89 -2.38 46.13 -7.13
CA GLU A 89 -1.75 46.94 -8.17
C GLU A 89 -1.64 46.19 -9.49
N GLU A 90 -1.69 44.86 -9.45
CA GLU A 90 -1.68 44.05 -10.66
C GLU A 90 -3.06 43.88 -11.26
N ASN A 91 -4.11 44.20 -10.51
CA ASN A 91 -5.52 44.08 -10.91
C ASN A 91 -5.92 42.64 -11.18
N THR A 92 -5.04 41.67 -10.92
CA THR A 92 -5.37 40.26 -11.05
C THR A 92 -5.60 39.60 -9.69
N GLY A 93 -5.58 40.37 -8.61
CA GLY A 93 -5.79 39.82 -7.29
C GLY A 93 -4.58 39.16 -6.68
N ALA A 94 -3.39 39.72 -6.91
CA ALA A 94 -2.17 39.12 -6.38
C ALA A 94 -2.22 38.99 -4.86
N ASP A 95 -2.91 39.91 -4.19
CA ASP A 95 -3.02 39.88 -2.73
C ASP A 95 -4.34 39.28 -2.27
N ARG A 96 -5.44 39.58 -2.96
CA ARG A 96 -6.76 39.16 -2.52
C ARG A 96 -6.91 37.65 -2.43
N LEU A 97 -5.97 36.89 -2.99
CA LEU A 97 -5.92 35.45 -2.81
C LEU A 97 -4.62 35.06 -2.12
N MET A 98 -4.65 33.92 -1.44
CA MET A 98 -3.54 33.47 -0.61
C MET A 98 -3.79 32.02 -0.22
N THR A 99 -2.96 31.50 0.67
CA THR A 99 -3.17 30.17 1.23
C THR A 99 -4.21 30.25 2.32
N GLN A 100 -5.18 29.32 2.28
CA GLN A 100 -6.25 29.29 3.28
C GLN A 100 -5.68 29.26 4.69
N ARG A 101 -4.62 28.46 4.89
CA ARG A 101 -3.93 28.45 6.19
C ARG A 101 -3.45 29.85 6.55
N CYS A 102 -2.90 30.58 5.59
CA CYS A 102 -2.51 31.96 5.85
C CYS A 102 -3.72 32.88 5.91
N LYS A 103 -4.77 32.55 5.17
CA LYS A 103 -5.96 33.41 5.14
C LYS A 103 -6.60 33.49 6.52
N ASP A 104 -6.74 32.35 7.19
CA ASP A 104 -7.36 32.37 8.51
C ASP A 104 -6.51 33.15 9.49
N LYS A 105 -5.19 32.97 9.46
CA LYS A 105 -4.32 33.71 10.36
C LYS A 105 -4.41 35.21 10.09
N LEU A 106 -4.46 35.60 8.82
CA LEU A 106 -4.56 37.01 8.49
C LEU A 106 -5.87 37.59 8.99
N ASN A 107 -6.97 36.84 8.84
CA ASN A 107 -8.24 37.30 9.38
C ASN A 107 -8.17 37.44 10.90
N ALA A 108 -7.49 36.50 11.54
CA ALA A 108 -7.29 36.59 12.99
C ALA A 108 -6.59 37.88 13.35
N LEU A 109 -5.49 38.19 12.66
CA LEU A 109 -4.77 39.43 12.93
C LEU A 109 -5.65 40.65 12.67
N ALA A 110 -6.42 40.61 11.59
CA ALA A 110 -7.31 41.74 11.29
C ALA A 110 -8.26 42.00 12.43
N ILE A 111 -8.97 40.96 12.88
CA ILE A 111 -9.94 41.15 13.94
C ILE A 111 -9.26 41.51 15.26
N SER A 112 -8.04 41.03 15.47
CA SER A 112 -7.35 41.30 16.73
C SER A 112 -6.83 42.73 16.79
N VAL A 113 -6.37 43.27 15.65
CA VAL A 113 -5.90 44.64 15.62
C VAL A 113 -7.06 45.63 15.54
N MET A 114 -8.21 45.22 15.01
CA MET A 114 -9.39 46.07 15.08
C MET A 114 -9.75 46.38 16.53
N ASN A 115 -9.52 45.42 17.44
CA ASN A 115 -9.75 45.66 18.85
C ASN A 115 -8.78 46.70 19.40
N GLN A 116 -7.48 46.43 19.32
CA GLN A 116 -6.50 47.30 19.95
C GLN A 116 -6.40 48.64 19.23
N TRP A 117 -6.70 48.68 17.94
CA TRP A 117 -6.72 49.93 17.18
C TRP A 117 -8.06 50.06 16.46
N PRO A 118 -8.89 51.03 16.83
CA PRO A 118 -10.17 51.21 16.12
C PRO A 118 -10.00 52.06 14.86
N GLY A 119 -10.97 51.92 13.97
CA GLY A 119 -10.98 52.71 12.75
C GLY A 119 -9.78 52.51 11.85
N VAL A 120 -9.28 51.29 11.76
CA VAL A 120 -8.14 50.96 10.91
C VAL A 120 -8.59 49.97 9.85
N LYS A 121 -7.88 49.98 8.71
CA LYS A 121 -8.17 49.09 7.59
C LYS A 121 -6.84 48.54 7.09
N LEU A 122 -6.55 47.29 7.45
CA LEU A 122 -5.24 46.71 7.16
C LEU A 122 -5.02 46.60 5.67
N ARG A 123 -3.76 46.74 5.27
CA ARG A 123 -3.39 46.82 3.85
C ARG A 123 -2.32 45.80 3.56
N VAL A 124 -2.69 44.73 2.86
CA VAL A 124 -1.73 43.74 2.39
C VAL A 124 -1.16 44.23 1.06
N THR A 125 0.15 44.46 1.03
CA THR A 125 0.74 45.02 -0.19
C THR A 125 1.04 43.95 -1.22
N GLU A 126 1.53 42.78 -0.81
CA GLU A 126 1.83 41.70 -1.74
C GLU A 126 1.61 40.38 -1.02
N GLY A 127 0.58 39.64 -1.43
CA GLY A 127 0.35 38.33 -0.88
C GLY A 127 1.00 37.23 -1.68
N TRP A 128 0.67 37.15 -2.97
CA TRP A 128 1.25 36.15 -3.87
C TRP A 128 1.69 36.84 -5.14
N ASP A 129 2.98 36.75 -5.44
CA ASP A 129 3.56 37.40 -6.61
C ASP A 129 3.77 36.39 -7.74
N GLU A 130 3.34 36.76 -8.94
CA GLU A 130 3.65 36.00 -10.14
C GLU A 130 4.37 36.82 -11.19
N ASP A 131 4.17 38.13 -11.23
CA ASP A 131 4.97 38.99 -12.09
C ASP A 131 6.43 39.02 -11.65
N GLY A 132 6.70 38.78 -10.38
CA GLY A 132 8.06 38.76 -9.89
C GLY A 132 8.55 40.06 -9.29
N HIS A 133 7.65 40.88 -8.75
CA HIS A 133 8.06 42.13 -8.12
C HIS A 133 9.00 41.92 -6.95
N HIS A 134 9.00 40.72 -6.37
CA HIS A 134 9.91 40.39 -5.29
C HIS A 134 11.10 39.60 -5.83
N SER A 135 12.04 39.29 -4.95
CA SER A 135 13.20 38.49 -5.32
C SER A 135 12.75 37.09 -5.74
N GLU A 136 13.63 36.41 -6.47
CA GLU A 136 13.36 35.04 -6.87
C GLU A 136 13.28 34.13 -5.65
N GLU A 137 12.75 32.93 -5.87
CA GLU A 137 12.57 31.88 -4.86
C GLU A 137 12.01 32.42 -3.55
N SER A 138 11.23 33.49 -3.63
CA SER A 138 10.67 34.10 -2.43
C SER A 138 9.41 33.39 -2.00
N LEU A 139 9.15 33.40 -0.69
CA LEU A 139 7.97 32.73 -0.17
C LEU A 139 6.68 33.36 -0.71
N HIS A 140 6.71 34.66 -1.01
CA HIS A 140 5.53 35.29 -1.58
C HIS A 140 5.11 34.62 -2.88
N TYR A 141 6.07 34.08 -3.63
CA TYR A 141 5.72 33.30 -4.81
C TYR A 141 4.97 32.03 -4.44
N GLU A 142 5.17 31.53 -3.23
CA GLU A 142 4.49 30.32 -2.79
C GLU A 142 3.09 30.61 -2.27
N GLY A 143 2.89 31.76 -1.64
CA GLY A 143 1.61 32.10 -1.06
C GLY A 143 1.50 31.86 0.43
N ARG A 144 2.53 31.31 1.06
CA ARG A 144 2.55 31.12 2.51
C ARG A 144 3.02 32.35 3.25
N ALA A 145 2.93 33.52 2.62
CA ALA A 145 3.47 34.73 3.21
C ALA A 145 2.78 35.93 2.60
N VAL A 146 2.83 37.04 3.33
CA VAL A 146 2.28 38.29 2.85
C VAL A 146 2.90 39.42 3.64
N ASP A 147 3.19 40.53 2.95
CA ASP A 147 3.71 41.72 3.58
C ASP A 147 2.54 42.65 3.92
N ILE A 148 2.53 43.14 5.15
CA ILE A 148 1.37 43.82 5.70
C ILE A 148 1.75 45.21 6.17
N THR A 149 0.87 46.19 5.90
CA THR A 149 1.00 47.56 6.38
C THR A 149 -0.34 47.99 6.95
N THR A 150 -0.32 49.11 7.68
CA THR A 150 -1.54 49.64 8.26
C THR A 150 -2.32 50.42 7.21
N SER A 151 -3.41 51.07 7.63
CA SER A 151 -4.28 51.77 6.68
C SER A 151 -3.62 53.03 6.16
N ASP A 152 -3.34 53.98 7.05
CA ASP A 152 -2.91 55.30 6.65
C ASP A 152 -1.39 55.45 6.62
N ARG A 153 -0.66 54.34 6.45
CA ARG A 153 0.78 54.37 6.26
C ARG A 153 1.48 55.06 7.43
N ASP A 154 1.36 54.46 8.61
CA ASP A 154 1.93 54.99 9.83
C ASP A 154 3.21 54.24 10.20
N ARG A 155 4.04 54.90 11.01
CA ARG A 155 5.40 54.41 11.26
C ARG A 155 5.50 53.54 12.51
N SER A 156 5.18 54.10 13.68
CA SER A 156 5.23 53.31 14.89
C SER A 156 4.19 52.20 14.87
N LYS A 157 3.09 52.42 14.16
CA LYS A 157 2.07 51.39 14.04
C LYS A 157 2.62 50.14 13.36
N TYR A 158 3.59 50.30 12.45
CA TYR A 158 4.26 49.13 11.88
C TYR A 158 5.00 48.35 12.95
N GLY A 159 5.76 49.05 13.80
CA GLY A 159 6.53 48.38 14.83
C GLY A 159 5.65 47.64 15.82
N MET A 160 4.50 48.24 16.17
CA MET A 160 3.59 47.53 17.07
C MET A 160 2.87 46.41 16.33
N LEU A 161 2.55 46.62 15.05
CA LEU A 161 1.78 45.66 14.28
C LEU A 161 2.58 44.39 14.03
N ALA A 162 3.91 44.49 13.98
CA ALA A 162 4.72 43.29 13.88
C ALA A 162 4.49 42.38 15.10
N ARG A 163 4.70 42.92 16.30
CA ARG A 163 4.43 42.16 17.51
C ARG A 163 2.99 41.67 17.57
N LEU A 164 2.06 42.45 17.01
CA LEU A 164 0.67 41.98 16.93
C LEU A 164 0.55 40.75 16.03
N ALA A 165 1.20 40.80 14.86
CA ALA A 165 1.21 39.65 13.97
C ALA A 165 1.78 38.43 14.67
N VAL A 166 2.76 38.64 15.55
CA VAL A 166 3.21 37.57 16.42
C VAL A 166 2.06 37.06 17.27
N GLU A 167 1.25 37.97 17.79
CA GLU A 167 0.22 37.59 18.76
C GLU A 167 -0.86 36.73 18.12
N ALA A 168 -1.28 37.08 16.90
CA ALA A 168 -2.32 36.31 16.23
C ALA A 168 -1.92 34.87 15.97
N GLY A 169 -0.63 34.55 16.07
CA GLY A 169 -0.17 33.18 15.89
C GLY A 169 0.51 32.96 14.56
N PHE A 170 1.28 33.94 14.10
CA PHE A 170 1.95 33.80 12.82
C PHE A 170 3.30 33.13 12.99
N ASP A 171 3.78 32.55 11.90
CA ASP A 171 4.93 31.66 11.97
C ASP A 171 6.26 32.40 11.97
N TRP A 172 6.56 33.13 10.90
CA TRP A 172 7.82 33.84 10.75
C TRP A 172 7.50 35.28 10.37
N VAL A 173 7.33 36.13 11.38
CA VAL A 173 7.07 37.55 11.17
C VAL A 173 8.41 38.27 11.28
N TYR A 174 8.85 38.86 10.18
CA TYR A 174 10.14 39.52 10.13
C TYR A 174 9.95 40.96 9.69
N TYR A 175 10.66 41.87 10.35
CA TYR A 175 10.62 43.27 9.95
C TYR A 175 11.44 43.44 8.69
N GLU A 176 10.87 43.05 7.55
CA GLU A 176 11.65 43.01 6.32
C GLU A 176 12.05 44.41 5.88
N SER A 177 11.08 45.31 5.72
CA SER A 177 11.34 46.64 5.23
C SER A 177 10.68 47.67 6.13
N LYS A 178 11.18 48.90 6.06
CA LYS A 178 10.52 50.03 6.69
C LYS A 178 9.15 50.31 6.10
N ALA A 179 8.91 49.87 4.87
CA ALA A 179 7.64 50.17 4.21
C ALA A 179 6.55 49.17 4.57
N HIS A 180 6.91 47.90 4.72
CA HIS A 180 5.92 46.86 5.01
C HIS A 180 6.42 45.93 6.11
N ILE A 181 5.47 45.38 6.85
CA ILE A 181 5.74 44.33 7.81
C ILE A 181 5.54 42.99 7.12
N HIS A 182 6.50 42.10 7.26
CA HIS A 182 6.53 40.83 6.54
C HIS A 182 6.14 39.70 7.47
N CYS A 183 5.04 39.02 7.15
CA CYS A 183 4.58 37.86 7.91
C CYS A 183 4.47 36.67 6.98
N SER A 184 5.03 35.54 7.40
CA SER A 184 5.11 34.33 6.59
C SER A 184 4.71 33.13 7.43
N VAL A 185 3.93 32.24 6.83
CA VAL A 185 3.37 31.11 7.57
C VAL A 185 3.88 29.81 6.98
N LYS A 186 3.80 28.75 7.78
CA LYS A 186 4.02 27.42 7.29
C LYS A 186 2.76 26.90 6.60
N ALA A 187 2.93 25.96 5.69
CA ALA A 187 1.82 25.29 5.04
C ALA A 187 1.66 23.87 5.60
N GLU A 188 0.44 23.37 5.51
CA GLU A 188 0.14 22.02 5.95
C GLU A 188 0.52 21.02 4.86
N ASN A 189 0.31 19.74 5.15
CA ASN A 189 0.64 18.65 4.22
C ASN A 189 2.11 18.69 3.81
N TYR B 181 8.97 -28.24 -39.13
CA TYR B 181 10.07 -28.02 -38.20
C TYR B 181 11.11 -29.11 -38.35
N ALA B 182 10.68 -30.35 -38.11
CA ALA B 182 11.57 -31.50 -38.26
C ALA B 182 12.08 -31.61 -39.69
N ALA B 183 11.33 -31.07 -40.65
CA ALA B 183 11.69 -31.21 -42.06
C ALA B 183 13.11 -30.72 -42.32
N LEU B 184 13.43 -29.50 -41.93
CA LEU B 184 14.74 -28.93 -42.22
C LEU B 184 15.58 -28.68 -40.98
N ILE B 185 15.16 -29.15 -39.81
CA ILE B 185 16.01 -29.08 -38.63
C ILE B 185 17.14 -30.10 -38.70
N ALA B 186 17.06 -31.05 -39.61
CA ALA B 186 18.03 -32.14 -39.70
C ALA B 186 19.36 -31.57 -40.15
N ASP B 187 20.31 -31.50 -39.23
CA ASP B 187 21.67 -31.00 -39.43
C ASP B 187 21.70 -29.58 -39.95
N TRP B 188 20.59 -28.85 -39.88
CA TRP B 188 20.59 -27.40 -40.12
C TRP B 188 19.96 -26.69 -38.93
N PRO B 189 20.59 -26.77 -37.76
CA PRO B 189 20.08 -26.05 -36.59
C PRO B 189 20.64 -24.64 -36.46
N VAL B 190 21.73 -24.33 -37.16
CA VAL B 190 22.35 -23.03 -37.01
C VAL B 190 21.41 -21.93 -37.47
N VAL B 191 20.60 -22.20 -38.48
CA VAL B 191 19.69 -21.17 -38.99
C VAL B 191 18.66 -20.82 -37.94
N VAL B 192 18.02 -21.82 -37.34
CA VAL B 192 16.99 -21.53 -36.35
C VAL B 192 17.63 -20.92 -35.11
N LEU B 193 18.81 -21.39 -34.73
CA LEU B 193 19.50 -20.81 -33.59
C LEU B 193 19.77 -19.33 -33.83
N GLY B 194 20.27 -19.00 -35.02
CA GLY B 194 20.58 -17.61 -35.32
C GLY B 194 19.35 -16.74 -35.38
N MET B 195 18.27 -17.22 -35.99
CA MET B 195 17.07 -16.40 -36.05
C MET B 195 16.47 -16.20 -34.67
N CYS B 196 16.54 -17.23 -33.81
CA CYS B 196 16.08 -17.05 -32.44
C CYS B 196 16.92 -16.02 -31.70
N THR B 197 18.24 -16.08 -31.85
CA THR B 197 19.08 -15.11 -31.15
C THR B 197 18.84 -13.70 -31.66
N MET B 198 18.64 -13.56 -32.98
CA MET B 198 18.30 -12.25 -33.53
C MET B 198 16.98 -11.75 -32.96
N PHE B 199 15.96 -12.62 -32.94
CA PHE B 199 14.68 -12.28 -32.33
C PHE B 199 14.87 -11.77 -30.92
N ILE B 200 15.65 -12.51 -30.12
CA ILE B 200 15.88 -12.14 -28.73
C ILE B 200 16.51 -10.77 -28.65
N VAL B 201 17.59 -10.54 -29.39
CA VAL B 201 18.34 -9.30 -29.22
C VAL B 201 17.52 -8.11 -29.72
N VAL B 202 16.77 -8.27 -30.81
CA VAL B 202 16.00 -7.16 -31.33
C VAL B 202 14.86 -6.82 -30.39
N CYS B 203 14.23 -7.85 -29.81
CA CYS B 203 13.15 -7.57 -28.88
C CYS B 203 13.67 -6.92 -27.61
N ALA B 204 14.86 -7.34 -27.16
CA ALA B 204 15.46 -6.69 -26.00
C ALA B 204 15.76 -5.22 -26.28
N LEU B 205 16.36 -4.93 -27.44
CA LEU B 205 16.65 -3.54 -27.77
C LEU B 205 15.37 -2.71 -27.85
N VAL B 206 14.33 -3.26 -28.47
CA VAL B 206 13.07 -2.51 -28.58
C VAL B 206 12.49 -2.27 -27.20
N GLY B 207 12.53 -3.28 -26.33
CA GLY B 207 11.96 -3.12 -25.01
C GLY B 207 12.71 -2.09 -24.18
N VAL B 208 14.02 -2.00 -24.34
CA VAL B 208 14.78 -1.00 -23.60
C VAL B 208 14.75 0.36 -24.29
N LEU B 209 14.30 0.42 -25.54
CA LEU B 209 14.27 1.69 -26.25
C LEU B 209 12.92 2.38 -26.15
N VAL B 210 11.86 1.74 -26.64
CA VAL B 210 10.59 2.45 -26.83
C VAL B 210 9.87 2.73 -25.51
N PRO B 211 9.50 1.73 -24.71
CA PRO B 211 8.63 2.02 -23.57
C PRO B 211 9.39 2.66 -22.44
N GLU B 212 8.66 3.31 -21.54
CA GLU B 212 9.22 3.99 -20.38
C GLU B 212 9.52 2.97 -19.31
N LEU B 213 10.67 3.12 -18.67
CA LEU B 213 11.08 2.19 -17.64
C LEU B 213 10.02 2.10 -16.55
N PRO B 214 9.89 0.96 -15.87
CA PRO B 214 8.96 0.87 -14.75
C PRO B 214 9.40 1.76 -13.60
N ASP B 215 8.46 2.11 -12.73
CA ASP B 215 8.74 3.08 -11.68
C ASP B 215 9.35 2.41 -10.44
N PHE B 216 8.66 1.41 -9.88
CA PHE B 216 9.01 0.84 -8.59
C PHE B 216 9.07 1.91 -7.51
N SER B 217 8.28 2.96 -7.66
CA SER B 217 8.21 4.00 -6.65
C SER B 217 7.51 3.50 -5.39
N ASP B 218 6.36 2.85 -5.56
CA ASP B 218 5.57 2.40 -4.43
C ASP B 218 5.14 0.96 -4.62
N PRO B 219 5.43 0.08 -3.66
CA PRO B 219 4.96 -1.30 -3.79
C PRO B 219 3.46 -1.40 -3.94
N LEU B 220 2.69 -0.64 -3.17
CA LEU B 220 1.24 -0.70 -3.27
C LEU B 220 0.77 0.11 -4.47
N LEU B 221 1.36 -0.22 -5.62
CA LEU B 221 1.19 0.63 -6.79
C LEU B 221 -0.20 0.53 -7.37
N GLY B 222 -0.78 -0.65 -7.37
CA GLY B 222 -2.07 -0.83 -8.02
C GLY B 222 -3.05 -1.64 -7.22
N PHE B 223 -2.96 -1.58 -5.88
CA PHE B 223 -3.81 -2.43 -5.07
C PHE B 223 -5.27 -1.99 -5.15
N GLU B 224 -5.52 -0.71 -5.30
CA GLU B 224 -6.89 -0.25 -5.32
C GLU B 224 -7.63 -0.90 -6.49
N PRO B 225 -8.70 -1.63 -6.22
CA PRO B 225 -9.44 -2.29 -7.30
C PRO B 225 -10.02 -1.28 -8.27
N ARG B 226 -10.44 -1.78 -9.43
CA ARG B 226 -11.07 -0.94 -10.44
C ARG B 226 -12.26 -1.66 -11.03
N GLY B 227 -13.26 -0.88 -11.44
CA GLY B 227 -14.41 -1.44 -12.13
C GLY B 227 -15.23 -2.40 -11.29
N THR B 228 -15.23 -2.20 -9.98
CA THR B 228 -15.97 -3.08 -9.09
C THR B 228 -17.29 -2.49 -8.62
N ALA B 229 -17.79 -1.44 -9.28
CA ALA B 229 -19.05 -0.76 -9.05
C ALA B 229 -19.06 0.03 -7.75
N ILE B 230 -18.08 -0.18 -6.88
CA ILE B 230 -17.87 0.69 -5.74
C ILE B 230 -16.60 1.52 -5.91
N GLY B 231 -15.48 0.86 -6.17
CA GLY B 231 -14.29 1.57 -6.57
C GLY B 231 -14.55 2.50 -7.74
N GLN B 232 -15.53 2.16 -8.58
CA GLN B 232 -15.98 3.13 -9.56
C GLN B 232 -16.44 4.41 -8.88
N ARG B 233 -17.42 4.29 -7.99
CA ARG B 233 -17.90 5.46 -7.26
C ARG B 233 -16.77 6.10 -6.48
N LEU B 234 -15.94 5.28 -5.85
CA LEU B 234 -14.89 5.81 -5.00
C LEU B 234 -13.90 6.64 -5.81
N VAL B 235 -13.46 6.12 -6.94
CA VAL B 235 -12.48 6.83 -7.73
C VAL B 235 -13.10 8.08 -8.32
N THR B 236 -14.40 8.04 -8.62
CA THR B 236 -15.03 9.26 -9.09
C THR B 236 -15.04 10.32 -8.00
N TRP B 237 -15.33 9.92 -6.78
CA TRP B 237 -15.32 10.87 -5.67
C TRP B 237 -13.93 11.46 -5.48
N ASN B 238 -12.91 10.62 -5.55
CA ASN B 238 -11.56 11.13 -5.37
C ASN B 238 -11.16 12.07 -6.50
N ASN B 239 -11.43 11.67 -7.74
CA ASN B 239 -11.21 12.56 -8.87
C ASN B 239 -11.91 13.89 -8.65
N MET B 240 -13.10 13.86 -8.06
CA MET B 240 -13.81 15.10 -7.79
C MET B 240 -13.07 15.94 -6.76
N VAL B 241 -12.57 15.30 -5.70
CA VAL B 241 -11.89 16.07 -4.67
C VAL B 241 -10.62 16.69 -5.23
N LYS B 242 -10.06 16.08 -6.28
CA LYS B 242 -8.88 16.69 -6.90
C LYS B 242 -9.23 18.05 -7.51
N ASN B 243 -10.21 18.10 -8.39
CA ASN B 243 -10.56 19.34 -9.07
C ASN B 243 -11.42 20.20 -8.13
N THR B 244 -10.76 20.67 -7.09
CA THR B 244 -11.38 21.49 -6.07
C THR B 244 -11.31 22.96 -6.49
N GLY B 245 -11.62 23.86 -5.57
CA GLY B 245 -11.60 25.27 -5.90
C GLY B 245 -10.20 25.75 -6.25
N TYR B 246 -10.14 26.60 -7.28
CA TYR B 246 -8.98 27.43 -7.55
C TYR B 246 -9.43 28.87 -7.44
N LYS B 247 -8.72 29.64 -6.60
CA LYS B 247 -9.22 30.91 -6.06
C LYS B 247 -9.97 31.75 -7.08
N ALA B 248 -9.30 32.09 -8.19
CA ALA B 248 -9.95 32.73 -9.31
C ALA B 248 -10.06 31.72 -10.44
N THR B 249 -11.26 31.57 -10.99
CA THR B 249 -11.50 30.67 -12.10
C THR B 249 -11.02 29.25 -11.77
N LEU B 250 -11.73 28.66 -10.80
CA LEU B 250 -11.46 27.28 -10.44
C LEU B 250 -11.52 26.34 -11.63
N ALA B 251 -12.35 26.68 -12.63
CA ALA B 251 -12.41 25.95 -13.90
C ALA B 251 -12.86 24.50 -13.72
N ASN B 252 -13.68 24.23 -12.72
CA ASN B 252 -14.22 22.90 -12.47
C ASN B 252 -15.53 23.04 -11.71
N TYR B 253 -15.98 21.93 -11.14
CA TYR B 253 -17.22 21.94 -10.36
C TYR B 253 -17.23 22.83 -9.12
N PRO B 254 -16.10 23.10 -8.40
CA PRO B 254 -16.22 23.50 -6.99
C PRO B 254 -17.19 24.60 -6.56
N PHE B 255 -17.05 25.83 -7.05
CA PHE B 255 -17.66 26.89 -6.26
C PHE B 255 -18.11 28.13 -7.02
N LYS B 256 -18.29 29.22 -6.27
CA LYS B 256 -18.97 30.43 -6.68
C LYS B 256 -17.99 31.59 -6.88
N TYR B 257 -16.71 31.26 -7.10
CA TYR B 257 -15.68 32.29 -7.12
C TYR B 257 -15.90 33.31 -8.23
N ALA B 258 -16.80 33.02 -9.17
CA ALA B 258 -17.06 33.93 -10.27
C ALA B 258 -17.49 35.30 -9.76
N ASP B 259 -18.32 35.35 -8.72
CA ASP B 259 -18.80 36.61 -8.18
C ASP B 259 -17.71 37.22 -7.30
N GLU B 260 -16.75 37.86 -7.96
CA GLU B 260 -15.72 38.64 -7.29
C GLU B 260 -15.95 40.14 -7.43
N GLN B 261 -16.95 40.55 -8.21
CA GLN B 261 -17.27 41.96 -8.32
C GLN B 261 -17.81 42.51 -7.01
N ALA B 262 -18.89 41.91 -6.50
CA ALA B 262 -19.49 42.29 -5.23
C ALA B 262 -19.87 43.77 -5.20
N LYS B 263 -20.22 44.30 -6.38
CA LYS B 263 -20.67 45.69 -6.53
C LYS B 263 -19.68 46.67 -5.91
N SER B 264 -18.41 46.51 -6.27
CA SER B 264 -17.33 47.36 -5.80
C SER B 264 -16.15 47.18 -6.75
N HIS B 265 -15.00 47.71 -6.36
CA HIS B 265 -13.78 47.58 -7.18
C HIS B 265 -13.37 46.13 -7.34
N ASN B 285 16.48 21.45 27.28
CA ASN B 285 17.58 22.03 26.52
C ASN B 285 18.74 22.41 27.40
N PHE B 286 19.71 23.06 26.76
CA PHE B 286 20.78 23.71 27.52
C PHE B 286 20.22 24.80 28.42
N HIS B 287 18.98 25.22 28.16
CA HIS B 287 18.31 26.18 29.03
C HIS B 287 17.79 25.49 30.28
N LYS B 288 17.48 26.29 31.30
CA LYS B 288 17.02 25.72 32.56
C LYS B 288 15.59 25.21 32.47
N ASP B 289 14.71 25.94 31.77
CA ASP B 289 13.28 25.63 31.76
C ASP B 289 12.62 26.23 30.52
N SER B 290 11.29 26.09 30.46
CA SER B 290 10.49 26.60 29.34
C SER B 290 11.01 26.07 28.02
N PHE B 291 11.51 24.85 28.05
CA PHE B 291 12.49 24.34 27.10
C PHE B 291 11.86 23.56 25.95
N PHE B 292 10.60 23.17 26.06
CA PHE B 292 9.95 22.38 25.02
C PHE B 292 9.25 23.30 24.05
N CYS B 293 9.76 23.34 22.82
CA CYS B 293 9.22 24.23 21.80
C CYS B 293 7.79 23.86 21.42
N ASP B 294 7.55 22.59 21.15
CA ASP B 294 6.25 22.13 20.71
C ASP B 294 5.86 20.90 21.53
N VAL B 295 4.68 20.37 21.26
CA VAL B 295 4.24 19.12 21.87
C VAL B 295 4.41 18.00 20.85
N PRO B 296 4.62 16.76 21.28
CA PRO B 296 4.87 15.68 20.33
C PRO B 296 3.64 15.42 19.48
N SER B 297 3.87 14.84 18.30
CA SER B 297 2.79 14.44 17.41
C SER B 297 3.28 13.37 16.47
N ASP B 298 2.36 12.87 15.65
CA ASP B 298 2.73 11.86 14.68
C ASP B 298 3.68 12.41 13.63
N ARG B 299 3.65 13.71 13.38
CA ARG B 299 4.44 14.28 12.29
C ARG B 299 5.93 14.08 12.51
N TYR B 300 6.39 14.13 13.76
CA TYR B 300 7.81 13.98 14.03
C TYR B 300 8.22 12.52 13.94
N SER B 301 9.51 12.30 13.67
CA SER B 301 10.02 10.93 13.63
C SER B 301 10.27 10.40 15.02
N ARG B 302 10.39 9.08 15.13
CA ARG B 302 10.31 8.36 16.40
C ARG B 302 11.14 7.09 16.34
N VAL B 303 11.55 6.60 17.51
CA VAL B 303 12.23 5.31 17.64
C VAL B 303 11.95 4.73 19.03
N VAL B 304 11.48 3.49 19.08
CA VAL B 304 11.28 2.83 20.37
C VAL B 304 12.50 2.02 20.73
N PHE B 305 12.74 1.87 22.02
CA PHE B 305 13.91 1.15 22.52
C PHE B 305 13.48 -0.06 23.32
N THR B 306 14.16 -1.19 23.12
CA THR B 306 13.94 -2.38 23.92
C THR B 306 15.18 -2.69 24.74
N SER B 307 14.96 -3.16 25.96
CA SER B 307 16.07 -3.47 26.86
C SER B 307 16.79 -4.72 26.38
N SER B 308 17.91 -5.01 27.03
CA SER B 308 18.63 -6.24 26.86
C SER B 308 18.14 -7.24 27.91
N GLY B 309 18.90 -8.31 28.14
CA GLY B 309 18.59 -9.27 29.18
C GLY B 309 18.41 -8.66 30.55
N GLY B 310 18.91 -7.43 30.74
CA GLY B 310 18.66 -6.73 31.98
C GLY B 310 17.19 -6.54 32.27
N GLU B 311 16.41 -6.27 31.22
CA GLU B 311 14.94 -6.31 31.21
C GLU B 311 14.31 -5.44 32.30
N THR B 312 15.12 -4.65 33.00
CA THR B 312 14.66 -3.75 34.04
C THR B 312 14.89 -2.34 33.51
N LEU B 313 13.93 -1.84 32.74
CA LEU B 313 14.18 -0.67 31.89
C LEU B 313 14.29 0.62 32.71
N TRP B 314 13.74 0.65 33.91
CA TRP B 314 13.87 1.84 34.75
C TRP B 314 15.24 1.95 35.39
N ASN B 315 16.20 1.18 34.87
CA ASN B 315 17.58 1.34 35.30
C ASN B 315 18.09 2.71 34.90
N LEU B 316 18.77 3.39 35.82
CA LEU B 316 19.18 4.75 35.54
C LEU B 316 20.31 4.81 34.50
N PRO B 317 21.31 3.93 34.50
CA PRO B 317 22.19 3.86 33.33
C PRO B 317 21.44 3.57 32.06
N ALA B 318 20.35 2.80 32.13
CA ALA B 318 19.55 2.60 30.93
C ALA B 318 19.07 3.92 30.36
N ILE B 319 18.63 4.83 31.23
CA ILE B 319 18.13 6.11 30.76
C ILE B 319 19.26 6.96 30.19
N LYS B 320 20.35 7.12 30.95
CA LYS B 320 21.43 7.98 30.47
C LYS B 320 22.02 7.43 29.17
N SER B 321 22.22 6.11 29.12
CA SER B 321 22.67 5.47 27.89
C SER B 321 21.68 5.72 26.76
N MET B 322 20.40 5.53 27.02
CA MET B 322 19.37 5.83 26.02
C MET B 322 19.62 7.19 25.39
N CYS B 323 19.68 8.24 26.21
CA CYS B 323 19.77 9.58 25.63
C CYS B 323 21.09 9.78 24.90
N ASN B 324 22.21 9.40 25.53
CA ASN B 324 23.50 9.70 24.91
C ASN B 324 23.70 8.91 23.62
N VAL B 325 23.33 7.62 23.63
CA VAL B 325 23.46 6.83 22.40
C VAL B 325 22.54 7.38 21.33
N ASP B 326 21.35 7.85 21.71
CA ASP B 326 20.46 8.43 20.72
C ASP B 326 21.12 9.63 20.06
N ASN B 327 21.64 10.54 20.87
CA ASN B 327 22.23 11.75 20.33
C ASN B 327 23.46 11.43 19.51
N SER B 328 24.27 10.48 19.95
CA SER B 328 25.47 10.11 19.19
C SER B 328 25.11 9.46 17.87
N ARG B 329 24.04 8.66 17.86
CA ARG B 329 23.71 7.91 16.65
C ARG B 329 22.91 8.74 15.67
N ILE B 330 22.22 9.77 16.13
CA ILE B 330 21.39 10.60 15.28
C ILE B 330 21.99 12.00 15.10
N ARG B 331 22.10 12.75 16.20
CA ARG B 331 22.53 14.15 16.10
C ARG B 331 23.93 14.27 15.53
N SER B 332 24.80 13.28 15.78
CA SER B 332 26.17 13.33 15.29
C SER B 332 26.17 13.06 13.78
N HIS B 333 25.60 14.03 13.06
CA HIS B 333 25.50 13.97 11.61
C HIS B 333 25.09 15.34 11.12
N PRO B 334 25.46 15.70 9.88
CA PRO B 334 24.94 16.93 9.29
C PRO B 334 23.42 16.92 9.27
N GLN B 335 22.83 17.76 10.12
CA GLN B 335 21.38 17.83 10.25
C GLN B 335 20.94 19.25 9.97
N PHE B 336 19.96 19.38 9.08
CA PHE B 336 19.35 20.68 8.83
C PHE B 336 18.91 21.33 10.12
N GLY B 337 18.38 20.53 11.03
CA GLY B 337 18.07 20.99 12.36
C GLY B 337 16.65 20.63 12.75
N ASP B 338 16.13 21.44 13.65
CA ASP B 338 14.79 21.30 14.22
C ASP B 338 14.21 22.69 14.41
N LEU B 339 13.14 22.80 15.20
CA LEU B 339 12.36 24.03 15.23
C LEU B 339 13.22 25.25 15.58
N CYS B 340 14.23 25.08 16.44
CA CYS B 340 15.14 26.15 16.82
C CYS B 340 14.38 27.37 17.34
N GLN B 341 13.66 27.17 18.43
CA GLN B 341 12.98 28.28 19.08
C GLN B 341 13.97 29.36 19.49
N ARG B 342 15.07 28.97 20.13
CA ARG B 342 16.14 29.89 20.40
C ARG B 342 17.01 30.08 19.16
N THR B 343 18.04 30.90 19.30
CA THR B 343 18.97 31.13 18.20
C THR B 343 19.81 29.89 17.91
N THR B 344 20.25 29.19 18.96
CA THR B 344 21.09 28.01 18.78
C THR B 344 20.29 26.89 18.11
N ALA B 345 20.83 26.39 17.01
CA ALA B 345 20.17 25.33 16.25
C ALA B 345 20.57 23.95 16.73
N ALA B 346 21.48 23.85 17.69
CA ALA B 346 21.91 22.56 18.22
C ALA B 346 20.97 22.05 19.30
N SER B 347 20.95 22.70 20.46
CA SER B 347 20.02 22.31 21.51
C SER B 347 18.68 23.01 21.32
N CYS B 348 18.12 22.92 20.11
CA CYS B 348 16.74 23.29 19.88
C CYS B 348 15.80 22.37 20.64
N CYS B 349 15.76 21.12 20.22
CA CYS B 349 14.92 20.13 20.86
C CYS B 349 15.81 19.04 21.42
N PRO B 350 15.96 18.93 22.71
CA PRO B 350 16.94 17.98 23.24
C PRO B 350 16.37 16.58 23.27
N SER B 351 16.66 15.77 22.26
CA SER B 351 16.47 14.32 22.32
C SER B 351 15.01 13.93 22.55
N TRP B 352 14.17 14.90 22.90
CA TRP B 352 12.76 14.68 23.24
C TRP B 352 12.55 13.42 24.08
N THR B 353 13.40 13.20 25.08
CA THR B 353 13.38 11.96 25.83
C THR B 353 12.82 12.14 27.22
N LEU B 354 12.49 11.01 27.84
CA LEU B 354 12.03 11.04 29.22
C LEU B 354 13.13 11.54 30.16
N GLY B 355 14.38 11.26 29.81
CA GLY B 355 15.48 11.81 30.57
C GLY B 355 15.40 13.32 30.66
N ASN B 356 15.02 13.96 29.57
CA ASN B 356 14.77 15.40 29.61
C ASN B 356 13.69 15.72 30.62
N TYR B 357 12.64 14.90 30.70
CA TYR B 357 11.57 15.17 31.64
C TYR B 357 12.06 15.09 33.07
N ILE B 358 12.72 14.00 33.42
CA ILE B 358 13.22 13.85 34.80
C ILE B 358 14.23 14.93 35.12
N ALA B 359 15.02 15.37 34.13
CA ALA B 359 15.90 16.49 34.36
C ALA B 359 15.14 17.75 34.66
N ILE B 360 14.03 17.99 33.94
CA ILE B 360 13.32 19.25 34.12
C ILE B 360 12.55 19.25 35.43
N LEU B 361 12.11 18.07 35.88
CA LEU B 361 11.55 17.98 37.21
C LEU B 361 12.63 18.22 38.26
N ASN B 362 13.87 17.86 37.94
CA ASN B 362 15.04 18.28 38.70
C ASN B 362 15.41 19.73 38.40
N ASN B 363 14.87 20.30 37.32
CA ASN B 363 15.14 21.67 36.92
C ASN B 363 16.64 21.91 36.74
N ARG B 364 17.21 21.17 35.78
CA ARG B 364 18.61 21.30 35.42
C ARG B 364 18.74 21.57 33.93
N SER B 365 19.75 22.37 33.57
CA SER B 365 20.02 22.66 32.17
C SER B 365 20.68 21.50 31.44
N SER B 366 20.90 20.36 32.10
CA SER B 366 21.66 19.25 31.54
C SER B 366 20.96 17.95 31.86
N CYS B 367 20.60 17.19 30.82
CA CYS B 367 19.81 15.99 31.02
C CYS B 367 20.62 14.87 31.68
N GLN B 368 21.85 14.66 31.23
CA GLN B 368 22.60 13.49 31.65
C GLN B 368 22.86 13.51 33.15
N LYS B 369 23.11 14.68 33.72
CA LYS B 369 23.41 14.78 35.15
C LYS B 369 22.17 14.40 35.94
N ILE B 370 22.18 13.21 36.53
CA ILE B 370 21.02 12.65 37.22
C ILE B 370 21.49 11.93 38.47
N VAL B 371 21.17 12.46 39.64
CA VAL B 371 21.49 11.77 40.88
C VAL B 371 20.53 10.60 41.10
N GLU B 372 19.39 10.62 40.39
CA GLU B 372 18.37 9.57 40.28
C GLU B 372 17.41 9.54 41.46
N ARG B 373 17.57 10.39 42.47
CA ARG B 373 16.55 10.48 43.51
C ARG B 373 15.25 11.03 42.94
N ASP B 374 15.34 12.08 42.13
CA ASP B 374 14.16 12.60 41.48
C ASP B 374 13.51 11.56 40.59
N VAL B 375 14.28 10.60 40.08
CA VAL B 375 13.67 9.51 39.33
C VAL B 375 12.64 8.79 40.20
N SER B 376 13.00 8.49 41.44
CA SER B 376 12.05 7.84 42.35
C SER B 376 10.92 8.78 42.74
N HIS B 377 11.24 10.06 42.98
CA HIS B 377 10.18 11.02 43.30
C HIS B 377 9.14 11.06 42.18
N THR B 378 9.59 11.24 40.95
CA THR B 378 8.69 11.27 39.81
C THR B 378 8.05 9.91 39.57
N LEU B 379 8.70 8.84 39.99
CA LEU B 379 8.07 7.52 39.89
C LEU B 379 6.81 7.49 40.74
N LYS B 380 6.92 7.92 42.00
CA LYS B 380 5.73 8.05 42.84
C LYS B 380 4.73 9.01 42.22
N LEU B 381 5.24 10.12 41.69
CA LEU B 381 4.35 11.10 41.08
C LEU B 381 3.57 10.50 39.92
N LEU B 382 4.24 9.72 39.08
CA LEU B 382 3.57 9.11 37.93
C LEU B 382 2.55 8.08 38.39
N ARG B 383 2.87 7.32 39.44
CA ARG B 383 1.86 6.44 40.01
C ARG B 383 0.61 7.23 40.40
N THR B 384 0.80 8.26 41.22
CA THR B 384 -0.33 9.05 41.70
C THR B 384 -1.07 9.72 40.54
N CYS B 385 -0.37 10.00 39.45
CA CYS B 385 -1.01 10.66 38.32
C CYS B 385 -1.80 9.67 37.47
N ALA B 386 -1.21 8.52 37.18
CA ALA B 386 -1.96 7.46 36.51
C ALA B 386 -3.22 7.13 37.28
N LYS B 387 -3.16 7.28 38.60
CA LYS B 387 -4.40 7.26 39.39
C LYS B 387 -5.42 8.24 38.84
N HIS B 388 -4.97 9.41 38.39
CA HIS B 388 -5.88 10.41 37.86
C HIS B 388 -6.12 10.19 36.36
N TYR B 389 -7.39 10.26 35.96
CA TYR B 389 -7.76 10.18 34.56
C TYR B 389 -8.77 11.26 34.19
N ASP B 400 -4.21 15.39 34.33
CA ASP B 400 -4.86 14.29 33.61
C ASP B 400 -5.54 14.80 32.35
N MET B 401 -4.93 15.81 31.72
CA MET B 401 -5.45 16.35 30.47
C MET B 401 -4.31 16.96 29.67
N ALA B 402 -4.55 17.13 28.37
CA ALA B 402 -3.59 17.78 27.48
C ALA B 402 -3.74 19.29 27.62
N ALA B 403 -3.57 19.77 28.85
CA ALA B 403 -3.80 21.17 29.16
C ALA B 403 -2.78 22.05 28.45
N ARG B 404 -3.14 23.33 28.29
CA ARG B 404 -2.20 24.30 27.74
C ARG B 404 -1.10 24.62 28.73
N ARG B 405 -1.48 25.14 29.91
CA ARG B 405 -0.58 25.26 31.06
C ARG B 405 0.70 26.02 30.74
N LYS B 406 0.65 26.97 29.79
CA LYS B 406 1.80 27.84 29.57
C LYS B 406 2.18 28.57 30.85
N ASP B 407 1.21 28.78 31.74
CA ASP B 407 1.43 29.19 33.11
C ASP B 407 0.88 28.12 34.03
N GLN B 408 1.15 28.28 35.33
CA GLN B 408 0.73 27.27 36.30
C GLN B 408 -0.78 27.12 36.34
N LEU B 409 -1.51 28.22 36.27
CA LEU B 409 -2.96 28.16 36.38
C LEU B 409 -3.58 27.50 35.16
N LYS B 410 -4.62 26.69 35.39
CA LYS B 410 -5.30 25.96 34.34
C LYS B 410 -6.79 26.26 34.42
N CYS B 411 -7.42 26.45 33.27
CA CYS B 411 -8.86 26.72 33.23
C CYS B 411 -9.65 25.53 33.76
N THR B 412 -9.30 24.33 33.33
CA THR B 412 -9.98 23.14 33.82
C THR B 412 -9.60 22.88 35.27
N ASN B 413 -10.37 22.01 35.92
CA ASN B 413 -10.06 21.62 37.28
C ASN B 413 -8.71 20.91 37.33
N VAL B 414 -7.91 21.28 38.30
CA VAL B 414 -6.57 20.73 38.49
C VAL B 414 -6.67 19.59 39.49
N PRO B 415 -6.37 18.35 39.10
CA PRO B 415 -6.36 17.27 40.09
C PRO B 415 -5.37 17.50 41.21
N ARG B 416 -4.14 17.91 40.87
CA ARG B 416 -3.16 18.28 41.87
C ARG B 416 -2.10 19.16 41.23
N LYS B 417 -1.78 20.27 41.88
CA LYS B 417 -0.73 21.15 41.38
C LYS B 417 0.61 20.45 41.37
N CYS B 418 0.81 19.47 42.25
CA CYS B 418 2.09 18.78 42.31
C CYS B 418 2.40 18.10 40.98
N THR B 419 1.36 17.78 40.21
CA THR B 419 1.57 17.35 38.83
C THR B 419 2.15 18.51 38.03
N LYS B 420 3.41 18.37 37.61
CA LYS B 420 4.07 19.42 36.86
C LYS B 420 3.32 19.70 35.58
N TYR B 421 3.17 20.98 35.26
CA TYR B 421 2.39 21.37 34.10
C TYR B 421 2.99 20.76 32.84
N ASN B 422 2.14 20.13 32.04
CA ASN B 422 2.51 19.69 30.71
C ASN B 422 3.65 18.67 30.74
N ALA B 423 3.77 17.90 31.82
CA ALA B 423 4.81 16.91 31.92
C ALA B 423 4.28 15.48 32.08
N VAL B 424 3.45 15.24 33.08
CA VAL B 424 3.05 13.87 33.38
C VAL B 424 2.16 13.31 32.29
N TYR B 425 1.24 14.14 31.79
CA TYR B 425 0.39 13.71 30.69
C TYR B 425 1.25 13.25 29.50
N GLN B 426 2.39 13.89 29.31
CA GLN B 426 3.29 13.50 28.22
C GLN B 426 3.83 12.10 28.44
N ILE B 427 4.46 11.84 29.58
CA ILE B 427 5.03 10.51 29.78
C ILE B 427 3.92 9.46 29.78
N LEU B 428 2.76 9.81 30.30
CA LEU B 428 1.68 8.83 30.40
C LEU B 428 1.07 8.53 29.04
N HIS B 429 1.07 9.51 28.13
CA HIS B 429 0.24 9.40 26.94
C HIS B 429 1.04 9.31 25.64
N TYR B 430 2.13 10.07 25.52
CA TYR B 430 2.96 10.01 24.33
C TYR B 430 4.26 9.26 24.54
N LEU B 431 4.86 9.35 25.71
CA LEU B 431 6.26 9.00 25.84
C LEU B 431 6.46 7.50 25.96
N VAL B 432 7.65 7.15 26.44
CA VAL B 432 8.17 5.79 26.36
C VAL B 432 7.19 4.79 26.97
N ASP B 433 6.41 5.22 27.95
CA ASP B 433 5.53 4.30 28.65
C ASP B 433 4.55 3.65 27.68
N LYS B 434 4.57 2.32 27.62
CA LYS B 434 3.74 1.58 26.68
C LYS B 434 2.77 0.66 27.39
N ASP B 435 3.12 0.17 28.57
CA ASP B 435 2.31 -0.83 29.26
C ASP B 435 1.06 -0.23 29.88
N PHE B 436 0.67 0.96 29.45
CA PHE B 436 -0.60 1.57 29.83
C PHE B 436 -0.60 2.01 31.30
N MET B 437 0.36 1.50 32.07
CA MET B 437 0.63 1.92 33.44
C MET B 437 -0.64 2.24 34.23
N THR B 438 -1.57 1.30 34.19
CA THR B 438 -2.66 1.24 35.17
C THR B 438 -2.72 -0.14 35.83
N PRO B 439 -1.67 -0.54 36.55
CA PRO B 439 -1.79 -1.68 37.45
C PRO B 439 -2.16 -1.23 38.85
N LYS B 440 -2.93 -2.06 39.52
CA LYS B 440 -3.39 -1.75 40.87
C LYS B 440 -2.95 -2.82 41.85
N THR B 441 -1.78 -3.41 41.59
CA THR B 441 -1.34 -4.59 42.33
C THR B 441 -0.59 -4.24 43.62
N ALA B 442 0.56 -3.59 43.49
CA ALA B 442 1.38 -3.30 44.67
C ALA B 442 2.59 -2.47 44.23
N ASP B 443 3.19 -1.81 45.22
CA ASP B 443 4.46 -1.11 44.98
C ASP B 443 5.54 -2.10 44.57
N TYR B 444 5.63 -3.24 45.26
CA TYR B 444 6.57 -4.27 44.87
C TYR B 444 6.39 -4.68 43.43
N ALA B 445 5.16 -4.62 42.91
CA ALA B 445 4.86 -5.02 41.56
C ALA B 445 5.26 -3.98 40.53
N THR B 446 6.10 -3.03 40.93
CA THR B 446 6.66 -2.04 40.01
C THR B 446 7.25 -2.72 38.78
N PRO B 447 6.65 -2.55 37.61
CA PRO B 447 7.19 -3.19 36.41
C PRO B 447 8.41 -2.44 35.90
N ALA B 448 8.94 -2.87 34.76
CA ALA B 448 10.09 -2.21 34.15
C ALA B 448 9.74 -1.31 32.98
N LEU B 449 8.49 -1.35 32.50
CA LEU B 449 8.12 -0.72 31.24
C LEU B 449 9.07 -1.18 30.14
N LYS B 450 9.07 -2.49 29.91
CA LYS B 450 10.11 -3.10 29.09
C LYS B 450 10.15 -2.49 27.69
N TYR B 451 9.06 -1.90 27.23
CA TYR B 451 9.09 -1.16 25.99
C TYR B 451 9.16 0.33 26.26
N SER B 452 10.02 1.02 25.51
CA SER B 452 10.24 2.45 25.67
C SER B 452 10.30 3.08 24.29
N MET B 453 9.80 4.31 24.19
CA MET B 453 9.73 5.00 22.92
C MET B 453 10.48 6.33 23.05
N LEU B 454 11.05 6.77 21.93
CA LEU B 454 11.77 8.03 21.88
C LEU B 454 11.41 8.77 20.61
N PHE B 455 10.92 10.00 20.75
CA PHE B 455 10.70 10.82 19.58
C PHE B 455 12.00 11.47 19.14
N SER B 456 12.14 11.63 17.84
CA SER B 456 13.24 12.40 17.31
C SER B 456 12.93 13.88 17.45
N PRO B 457 13.90 14.69 17.87
CA PRO B 457 13.71 16.15 17.78
C PRO B 457 13.36 16.63 16.39
N THR B 458 13.68 15.87 15.36
CA THR B 458 13.33 16.27 14.00
C THR B 458 11.97 15.74 13.59
N GLU B 459 11.65 15.82 12.31
CA GLU B 459 10.34 15.43 11.82
C GLU B 459 10.49 14.37 10.74
N LYS B 460 9.48 13.52 10.63
CA LYS B 460 9.58 12.38 9.73
C LYS B 460 9.29 12.80 8.30
N GLY B 461 10.08 12.27 7.37
CA GLY B 461 9.90 12.61 5.97
C GLY B 461 11.02 12.00 5.15
N GLU B 462 10.88 12.11 3.84
CA GLU B 462 11.82 11.46 2.93
C GLU B 462 13.27 11.85 3.22
N SER B 463 13.48 13.02 3.82
CA SER B 463 14.84 13.50 4.02
C SER B 463 15.64 12.57 4.92
N MET B 464 14.99 12.02 5.94
CA MET B 464 15.70 11.20 6.92
C MET B 464 16.31 9.95 6.28
N MET B 465 16.00 9.72 5.00
CA MET B 465 16.47 8.52 4.31
C MET B 465 17.99 8.42 4.34
N ASN B 466 18.67 9.52 3.99
CA ASN B 466 20.12 9.52 4.00
C ASN B 466 20.65 9.18 5.38
N ILE B 467 20.03 9.74 6.42
CA ILE B 467 20.49 9.52 7.77
C ILE B 467 20.38 8.05 8.15
N TYR B 468 19.21 7.46 7.90
CA TYR B 468 19.06 6.06 8.27
C TYR B 468 20.01 5.18 7.48
N LEU B 469 20.13 5.44 6.17
CA LEU B 469 20.97 4.58 5.33
C LEU B 469 22.43 4.64 5.75
N ASP B 470 22.98 5.84 5.87
CA ASP B 470 24.40 5.96 6.16
C ASP B 470 24.71 5.66 7.61
N ASN B 471 23.76 5.92 8.50
CA ASN B 471 24.09 6.07 9.91
C ASN B 471 23.45 5.05 10.83
N PHE B 472 22.55 4.20 10.36
CA PHE B 472 21.73 3.45 11.29
C PHE B 472 21.39 2.04 10.81
N GLU B 473 22.06 1.53 9.78
CA GLU B 473 21.84 0.16 9.31
C GLU B 473 22.94 -0.78 9.79
N ASN B 474 24.19 -0.50 9.45
CA ASN B 474 25.29 -1.41 9.75
C ASN B 474 25.35 -1.76 11.23
N TRP B 475 25.03 -0.81 12.09
CA TRP B 475 25.02 -1.00 13.53
C TRP B 475 24.29 -2.27 13.90
N ASN B 476 25.03 -3.21 14.50
CA ASN B 476 24.41 -4.49 14.83
C ASN B 476 23.28 -4.30 15.82
N SER B 477 23.47 -3.41 16.78
CA SER B 477 22.49 -3.08 17.78
C SER B 477 22.87 -1.70 18.33
N SER B 478 22.29 -1.34 19.46
CA SER B 478 22.65 -0.09 20.12
C SER B 478 23.79 -0.28 21.11
N ASP B 479 23.58 -1.13 22.10
CA ASP B 479 24.49 -1.26 23.22
C ASP B 479 24.06 -2.46 24.04
N GLY B 480 24.93 -2.87 24.98
CA GLY B 480 24.58 -3.96 25.88
C GLY B 480 23.52 -3.60 26.89
N VAL B 481 23.34 -2.30 27.16
CA VAL B 481 22.31 -1.92 28.13
C VAL B 481 20.93 -2.11 27.54
N THR B 482 20.78 -1.85 26.24
CA THR B 482 19.48 -1.90 25.57
C THR B 482 19.74 -1.79 24.08
N THR B 483 18.68 -1.96 23.29
CA THR B 483 18.84 -1.89 21.85
C THR B 483 17.56 -1.42 21.19
N ILE B 484 17.71 -0.96 19.96
CA ILE B 484 16.57 -0.53 19.17
C ILE B 484 15.73 -1.74 18.81
N THR B 485 14.43 -1.54 18.73
CA THR B 485 13.54 -2.55 18.17
C THR B 485 12.52 -1.99 17.20
N GLY B 486 12.20 -0.71 17.28
CA GLY B 486 11.24 -0.13 16.36
C GLY B 486 11.77 1.15 15.75
N ILE B 487 11.89 1.17 14.44
CA ILE B 487 12.46 2.30 13.73
C ILE B 487 11.35 2.79 12.80
N GLU B 488 10.57 3.75 13.28
CA GLU B 488 9.52 4.35 12.47
C GLU B 488 10.00 5.74 12.07
N PHE B 489 10.47 5.85 10.84
CA PHE B 489 10.96 7.12 10.31
C PHE B 489 10.16 7.59 9.11
N GLY B 490 8.99 6.99 8.87
CA GLY B 490 8.14 7.44 7.80
C GLY B 490 8.65 6.97 6.46
N ILE B 491 9.96 6.82 6.37
CA ILE B 491 10.65 6.45 5.15
C ILE B 491 10.67 4.93 5.12
N LYS B 492 9.57 4.32 4.68
CA LYS B 492 9.59 2.91 4.40
C LYS B 492 9.52 2.65 2.91
N HIS B 493 8.48 3.15 2.24
CA HIS B 493 8.41 2.99 0.80
C HIS B 493 9.62 3.56 0.09
N SER B 494 10.32 4.50 0.71
CA SER B 494 11.39 5.21 0.00
C SER B 494 12.57 4.29 -0.24
N LEU B 495 13.21 3.82 0.82
CA LEU B 495 14.36 2.96 0.66
C LEU B 495 13.99 1.55 0.23
N PHE B 496 12.69 1.24 0.20
CA PHE B 496 12.24 -0.08 -0.21
C PHE B 496 12.93 -0.55 -1.47
N GLN B 497 12.79 0.22 -2.55
CA GLN B 497 13.35 -0.17 -3.82
C GLN B 497 14.86 -0.35 -3.74
N ASP B 498 15.52 0.36 -2.82
CA ASP B 498 16.95 0.16 -2.68
C ASP B 498 17.27 -1.23 -2.13
N TYR B 499 16.60 -1.63 -1.04
CA TYR B 499 16.77 -3.00 -0.57
C TYR B 499 16.40 -4.01 -1.65
N LEU B 500 15.36 -3.71 -2.42
CA LEU B 500 14.98 -4.60 -3.50
C LEU B 500 16.15 -4.84 -4.44
N LEU B 501 16.64 -3.76 -5.06
CA LEU B 501 17.81 -3.83 -5.92
C LEU B 501 18.94 -4.60 -5.25
N MET B 502 19.37 -4.15 -4.08
CA MET B 502 20.52 -4.79 -3.45
C MET B 502 20.23 -6.25 -3.16
N ASP B 503 19.21 -6.50 -2.36
CA ASP B 503 18.88 -7.89 -2.07
C ASP B 503 18.24 -8.52 -3.29
N THR B 504 19.09 -8.83 -4.27
CA THR B 504 18.67 -9.59 -5.44
C THR B 504 19.70 -10.66 -5.76
N VAL B 505 20.79 -10.75 -4.99
CA VAL B 505 21.75 -11.82 -5.16
C VAL B 505 21.25 -13.15 -4.66
N TYR B 506 20.15 -13.17 -3.92
CA TYR B 506 19.63 -14.46 -3.50
C TYR B 506 18.99 -15.16 -4.69
N PRO B 507 18.20 -14.48 -5.53
CA PRO B 507 17.83 -15.09 -6.80
C PRO B 507 19.02 -15.49 -7.65
N ALA B 508 20.15 -14.79 -7.53
CA ALA B 508 21.34 -15.20 -8.27
C ALA B 508 21.87 -16.52 -7.74
N ILE B 509 22.00 -16.65 -6.43
CA ILE B 509 22.38 -17.93 -5.83
C ILE B 509 21.40 -19.01 -6.27
N ALA B 510 20.12 -18.66 -6.35
CA ALA B 510 19.11 -19.63 -6.77
C ALA B 510 19.37 -20.10 -8.20
N ILE B 511 19.51 -19.16 -9.13
CA ILE B 511 19.66 -19.55 -10.53
C ILE B 511 20.96 -20.32 -10.73
N VAL B 512 22.01 -19.96 -10.01
CA VAL B 512 23.26 -20.67 -10.21
C VAL B 512 23.18 -22.08 -9.64
N ILE B 513 22.55 -22.25 -8.47
CA ILE B 513 22.47 -23.59 -7.91
C ILE B 513 21.53 -24.45 -8.73
N VAL B 514 20.48 -23.88 -9.31
CA VAL B 514 19.60 -24.70 -10.11
C VAL B 514 20.29 -25.06 -11.42
N LEU B 515 21.12 -24.17 -11.95
CA LEU B 515 21.93 -24.53 -13.11
C LEU B 515 22.87 -25.67 -12.77
N LEU B 516 23.49 -25.61 -11.59
CA LEU B 516 24.40 -26.67 -11.17
C LEU B 516 23.67 -28.02 -11.10
N VAL B 517 22.49 -28.04 -10.48
CA VAL B 517 21.83 -29.33 -10.36
C VAL B 517 21.28 -29.79 -11.70
N MET B 518 20.93 -28.86 -12.58
CA MET B 518 20.59 -29.25 -13.94
C MET B 518 21.77 -29.94 -14.61
N CYS B 519 22.98 -29.42 -14.39
CA CYS B 519 24.17 -30.11 -14.83
C CYS B 519 24.24 -31.51 -14.24
N VAL B 520 24.05 -31.61 -12.92
CA VAL B 520 24.09 -32.91 -12.25
C VAL B 520 23.16 -33.90 -12.93
N TYR B 521 21.97 -33.44 -13.32
CA TYR B 521 20.99 -34.34 -13.92
C TYR B 521 21.52 -34.93 -15.23
N THR B 522 21.74 -34.08 -16.23
CA THR B 522 22.34 -34.50 -17.48
C THR B 522 23.73 -33.88 -17.60
N LYS B 523 24.74 -34.73 -17.77
CA LYS B 523 26.12 -34.27 -17.76
C LYS B 523 26.42 -33.27 -18.88
N SER B 524 25.49 -33.08 -19.81
CA SER B 524 25.70 -32.16 -20.93
C SER B 524 25.64 -30.72 -20.41
N MET B 525 26.75 -30.30 -19.81
CA MET B 525 26.83 -28.98 -19.20
C MET B 525 26.42 -27.88 -20.17
N PHE B 526 26.90 -27.96 -21.41
CA PHE B 526 26.61 -26.93 -22.39
C PHE B 526 25.11 -26.84 -22.65
N ILE B 527 24.43 -28.00 -22.71
CA ILE B 527 22.98 -27.99 -22.90
C ILE B 527 22.31 -27.27 -21.74
N THR B 528 22.80 -27.51 -20.53
CA THR B 528 22.22 -26.84 -19.36
C THR B 528 22.37 -25.33 -19.48
N LEU B 529 23.58 -24.86 -19.75
CA LEU B 529 23.77 -23.42 -19.91
C LEU B 529 22.88 -22.87 -21.01
N MET B 530 22.75 -23.59 -22.11
CA MET B 530 21.99 -23.06 -23.23
C MET B 530 20.51 -22.98 -22.89
N THR B 531 19.97 -23.99 -22.20
CA THR B 531 18.56 -23.91 -21.84
C THR B 531 18.31 -22.85 -20.76
N MET B 532 19.29 -22.64 -19.88
CA MET B 532 19.16 -21.54 -18.92
C MET B 532 19.05 -20.21 -19.65
N PHE B 533 19.98 -19.97 -20.57
CA PHE B 533 19.90 -18.76 -21.39
C PHE B 533 18.59 -18.70 -22.15
N ALA B 534 18.06 -19.85 -22.56
CA ALA B 534 16.77 -19.88 -23.22
C ALA B 534 15.68 -19.36 -22.30
N ILE B 535 15.68 -19.82 -21.06
CA ILE B 535 14.72 -19.32 -20.07
C ILE B 535 14.81 -17.82 -19.94
N ILE B 536 16.03 -17.31 -19.74
CA ILE B 536 16.21 -15.89 -19.52
C ILE B 536 15.73 -15.09 -20.72
N SER B 537 16.14 -15.51 -21.91
CA SER B 537 15.70 -14.84 -23.13
C SER B 537 14.19 -14.88 -23.27
N SER B 538 13.56 -15.95 -22.81
CA SER B 538 12.11 -15.99 -22.83
C SER B 538 11.52 -14.93 -21.92
N LEU B 539 12.08 -14.81 -20.71
CA LEU B 539 11.68 -13.70 -19.84
C LEU B 539 11.75 -12.38 -20.58
N ILE B 540 12.86 -12.16 -21.29
CA ILE B 540 13.08 -10.88 -21.95
C ILE B 540 12.03 -10.63 -23.02
N VAL B 541 11.87 -11.59 -23.94
CA VAL B 541 10.93 -11.40 -25.03
C VAL B 541 9.50 -11.31 -24.52
N SER B 542 9.20 -11.99 -23.42
CA SER B 542 7.87 -11.84 -22.82
C SER B 542 7.68 -10.43 -22.31
N TYR B 543 8.67 -9.88 -21.63
CA TYR B 543 8.62 -8.48 -21.22
C TYR B 543 8.35 -7.56 -22.40
N PHE B 544 9.04 -7.82 -23.52
CA PHE B 544 8.85 -7.02 -24.72
C PHE B 544 7.41 -7.11 -25.20
N LEU B 545 6.89 -8.33 -25.30
CA LEU B 545 5.49 -8.50 -25.71
C LEU B 545 4.55 -7.77 -24.76
N TYR B 546 4.87 -7.82 -23.46
CA TYR B 546 4.02 -7.24 -22.44
C TYR B 546 3.92 -5.73 -22.60
N ARG B 547 5.05 -5.04 -22.48
CA ARG B 547 4.99 -3.58 -22.45
C ARG B 547 4.66 -2.98 -23.81
N VAL B 548 5.02 -3.65 -24.89
CA VAL B 548 5.01 -3.05 -26.23
C VAL B 548 3.85 -3.57 -27.07
N VAL B 549 3.79 -4.89 -27.29
CA VAL B 549 2.89 -5.43 -28.30
C VAL B 549 1.45 -5.04 -28.03
N PHE B 550 1.03 -5.01 -26.77
CA PHE B 550 -0.36 -4.75 -26.44
C PHE B 550 -0.60 -3.34 -25.92
N HIS B 551 0.40 -2.47 -26.00
CA HIS B 551 0.24 -1.03 -25.78
C HIS B 551 -0.18 -0.71 -24.35
N PHE B 552 -0.31 -1.73 -23.50
CA PHE B 552 -0.62 -1.51 -22.10
C PHE B 552 0.63 -1.76 -21.27
N GLU B 553 0.83 -0.91 -20.27
CA GLU B 553 2.08 -0.89 -19.53
C GLU B 553 1.79 -0.71 -18.05
N PHE B 554 2.57 -1.40 -17.24
CA PHE B 554 2.54 -1.40 -15.79
C PHE B 554 3.61 -2.37 -15.35
N PHE B 555 4.05 -2.24 -14.12
CA PHE B 555 4.94 -3.31 -13.70
C PHE B 555 4.91 -3.43 -12.18
N PRO B 556 3.98 -4.20 -11.65
CA PRO B 556 3.67 -4.11 -10.22
C PRO B 556 4.55 -4.94 -9.32
N PHE B 557 5.86 -4.89 -9.49
CA PHE B 557 6.76 -5.38 -8.45
C PHE B 557 6.68 -6.88 -8.20
N MET B 558 5.69 -7.57 -8.76
CA MET B 558 5.59 -9.00 -8.55
C MET B 558 6.15 -9.79 -9.72
N ASN B 559 6.18 -9.20 -10.91
CA ASN B 559 6.87 -9.81 -12.02
C ASN B 559 8.34 -10.05 -11.70
N LEU B 560 8.89 -9.30 -10.76
CA LEU B 560 10.21 -9.57 -10.23
C LEU B 560 10.22 -10.64 -9.16
N THR B 561 9.10 -11.34 -8.99
CA THR B 561 9.07 -12.59 -8.26
C THR B 561 8.63 -13.75 -9.12
N ALA B 562 7.87 -13.49 -10.19
CA ALA B 562 7.44 -14.55 -11.09
C ALA B 562 8.63 -15.34 -11.62
N LEU B 563 9.75 -14.66 -11.87
CA LEU B 563 10.88 -15.27 -12.57
C LEU B 563 11.31 -16.58 -11.93
N ILE B 564 11.12 -16.71 -10.62
CA ILE B 564 11.59 -17.91 -9.95
C ILE B 564 10.75 -19.12 -10.38
N ILE B 565 9.43 -19.02 -10.24
CA ILE B 565 8.60 -20.12 -10.68
C ILE B 565 8.71 -20.29 -12.19
N LEU B 566 9.00 -19.20 -12.91
CA LEU B 566 9.19 -19.31 -14.35
C LEU B 566 10.36 -20.21 -14.67
N VAL B 567 11.53 -19.95 -14.09
CA VAL B 567 12.69 -20.77 -14.37
C VAL B 567 12.48 -22.18 -13.83
N GLY B 568 11.71 -22.31 -12.75
CA GLY B 568 11.37 -23.65 -12.26
C GLY B 568 10.63 -24.45 -13.31
N ILE B 569 9.54 -23.88 -13.83
CA ILE B 569 8.76 -24.58 -14.86
C ILE B 569 9.60 -24.81 -16.10
N GLY B 570 10.48 -23.88 -16.42
CA GLY B 570 11.35 -24.05 -17.56
C GLY B 570 12.23 -25.28 -17.41
N ALA B 571 13.08 -25.27 -16.38
CA ALA B 571 13.94 -26.42 -16.12
C ALA B 571 13.14 -27.71 -16.05
N ASN B 572 11.92 -27.64 -15.51
CA ASN B 572 11.04 -28.80 -15.56
C ASN B 572 10.86 -29.27 -16.99
N ASN B 573 10.48 -28.37 -17.88
CA ASN B 573 10.09 -28.80 -19.22
C ASN B 573 11.27 -29.22 -20.08
N ALA B 574 12.50 -28.97 -19.65
CA ALA B 574 13.64 -29.41 -20.42
C ALA B 574 14.09 -30.81 -20.04
N PHE B 575 13.96 -31.15 -18.77
CA PHE B 575 14.35 -32.48 -18.30
C PHE B 575 13.61 -33.55 -19.07
N VAL B 576 12.28 -33.41 -19.17
CA VAL B 576 11.49 -34.39 -19.90
C VAL B 576 12.01 -34.55 -21.32
N LEU B 577 12.39 -33.44 -21.95
CA LEU B 577 12.82 -33.51 -23.33
C LEU B 577 14.15 -34.23 -23.46
N CYS B 578 15.13 -33.85 -22.66
CA CYS B 578 16.44 -34.50 -22.76
C CYS B 578 16.34 -35.97 -22.41
N ASP B 579 15.49 -36.32 -21.44
CA ASP B 579 15.37 -37.72 -21.06
C ASP B 579 14.66 -38.52 -22.14
N VAL B 580 13.63 -37.94 -22.77
CA VAL B 580 13.00 -38.62 -23.90
C VAL B 580 13.99 -38.80 -25.03
N TRP B 581 14.84 -37.80 -25.25
CA TRP B 581 15.88 -37.92 -26.25
C TRP B 581 16.81 -39.08 -25.94
N ASN B 582 17.26 -39.18 -24.70
CA ASN B 582 18.15 -40.28 -24.32
C ASN B 582 17.46 -41.61 -24.45
N TYR B 583 16.16 -41.66 -24.14
CA TYR B 583 15.41 -42.90 -24.25
C TYR B 583 15.32 -43.35 -25.71
N THR B 584 14.96 -42.44 -26.61
CA THR B 584 14.85 -42.81 -28.02
C THR B 584 16.21 -43.01 -28.67
N LYS B 585 17.27 -42.44 -28.09
CA LYS B 585 18.61 -42.72 -28.58
C LYS B 585 19.10 -44.09 -28.10
N PHE B 586 18.60 -44.53 -26.94
CA PHE B 586 18.95 -45.85 -26.43
C PHE B 586 18.63 -46.92 -27.45
N ASP B 587 17.35 -47.07 -27.80
CA ASP B 587 16.98 -47.98 -28.86
C ASP B 587 17.35 -47.39 -30.21
N LYS B 588 17.64 -48.28 -31.16
CA LYS B 588 18.04 -47.99 -32.55
C LYS B 588 18.87 -46.71 -32.66
N PRO B 589 20.04 -46.64 -32.01
CA PRO B 589 20.84 -45.42 -32.10
C PRO B 589 21.37 -45.16 -33.50
N HIS B 590 21.70 -46.21 -34.25
CA HIS B 590 22.26 -46.07 -35.59
C HIS B 590 21.15 -45.85 -36.61
N ALA B 591 20.35 -44.82 -36.37
CA ALA B 591 19.25 -44.42 -37.22
C ALA B 591 19.50 -43.00 -37.73
N GLU B 592 18.50 -42.46 -38.42
CA GLU B 592 18.63 -41.14 -39.03
C GLU B 592 18.37 -40.04 -38.00
N THR B 593 19.25 -39.05 -37.98
CA THR B 593 19.09 -37.93 -37.04
C THR B 593 17.75 -37.25 -37.24
N SER B 594 17.36 -37.03 -38.49
CA SER B 594 16.04 -36.45 -38.76
C SER B 594 14.94 -37.31 -38.15
N GLU B 595 15.01 -38.63 -38.35
CA GLU B 595 14.00 -39.51 -37.79
C GLU B 595 14.05 -39.49 -36.27
N THR B 596 15.25 -39.43 -35.69
CA THR B 596 15.37 -39.33 -34.24
C THR B 596 14.67 -38.09 -33.72
N VAL B 597 14.92 -36.96 -34.37
CA VAL B 597 14.26 -35.72 -33.99
C VAL B 597 12.75 -35.87 -34.09
N SER B 598 12.28 -36.40 -35.22
CA SER B 598 10.85 -36.56 -35.42
C SER B 598 10.23 -37.38 -34.30
N ILE B 599 10.86 -38.51 -33.95
CA ILE B 599 10.24 -39.40 -32.98
C ILE B 599 10.30 -38.80 -31.57
N THR B 600 11.45 -38.24 -31.18
CA THR B 600 11.53 -37.67 -29.85
C THR B 600 10.59 -36.47 -29.71
N LEU B 601 10.43 -35.69 -30.77
CA LEU B 601 9.47 -34.61 -30.75
C LEU B 601 8.06 -35.15 -30.59
N GLN B 602 7.67 -36.09 -31.45
CA GLN B 602 6.35 -36.70 -31.34
C GLN B 602 6.09 -37.21 -29.94
N HIS B 603 7.12 -37.67 -29.25
CA HIS B 603 6.91 -38.27 -27.93
C HIS B 603 6.96 -37.27 -26.79
N ALA B 604 7.57 -36.10 -26.98
CA ALA B 604 7.75 -35.19 -25.86
C ALA B 604 7.08 -33.83 -26.02
N ALA B 605 6.87 -33.35 -27.25
CA ALA B 605 6.43 -31.98 -27.46
C ALA B 605 5.04 -31.76 -26.87
N LEU B 606 4.12 -32.68 -27.14
CA LEU B 606 2.75 -32.47 -26.65
C LEU B 606 2.68 -32.57 -25.14
N SER B 607 3.47 -33.48 -24.56
CA SER B 607 3.58 -33.53 -23.11
C SER B 607 4.03 -32.18 -22.57
N MET B 608 5.11 -31.64 -23.14
CA MET B 608 5.56 -30.32 -22.75
C MET B 608 4.46 -29.29 -22.87
N PHE B 609 3.75 -29.33 -23.99
CA PHE B 609 2.74 -28.31 -24.26
C PHE B 609 1.65 -28.33 -23.21
N VAL B 610 1.17 -29.52 -22.85
CA VAL B 610 0.10 -29.55 -21.87
C VAL B 610 0.62 -29.21 -20.49
N THR B 611 1.77 -29.77 -20.11
CA THR B 611 2.29 -29.52 -18.77
C THR B 611 2.71 -28.08 -18.57
N SER B 612 2.78 -27.28 -19.63
CA SER B 612 2.95 -25.84 -19.46
C SER B 612 1.64 -25.08 -19.64
N PHE B 613 0.87 -25.42 -20.66
CA PHE B 613 -0.40 -24.76 -20.92
C PHE B 613 -1.31 -24.83 -19.71
N THR B 614 -1.14 -25.83 -18.85
CA THR B 614 -1.90 -25.85 -17.60
C THR B 614 -1.68 -24.56 -16.80
N THR B 615 -0.43 -24.24 -16.45
CA THR B 615 -0.17 -23.03 -15.69
C THR B 615 -0.43 -21.79 -16.53
N ALA B 616 -0.24 -21.89 -17.84
CA ALA B 616 -0.59 -20.79 -18.72
C ALA B 616 -2.06 -20.40 -18.52
N ALA B 617 -2.95 -21.38 -18.63
CA ALA B 617 -4.36 -21.12 -18.40
C ALA B 617 -4.62 -20.70 -16.98
N ALA B 618 -3.84 -21.20 -16.02
CA ALA B 618 -3.98 -20.75 -14.64
C ALA B 618 -3.82 -19.24 -14.54
N PHE B 619 -2.76 -18.70 -15.14
CA PHE B 619 -2.53 -17.28 -15.04
C PHE B 619 -3.52 -16.49 -15.90
N TYR B 620 -3.81 -16.97 -17.11
CA TYR B 620 -4.81 -16.28 -17.91
C TYR B 620 -6.20 -16.38 -17.28
N ALA B 621 -6.36 -17.22 -16.27
CA ALA B 621 -7.57 -17.19 -15.47
C ALA B 621 -7.44 -16.18 -14.34
N ASN B 622 -6.29 -16.16 -13.68
CA ASN B 622 -6.04 -15.15 -12.66
C ASN B 622 -6.30 -13.75 -13.19
N TYR B 623 -6.17 -13.57 -14.50
CA TYR B 623 -6.53 -12.31 -15.13
C TYR B 623 -7.94 -11.85 -14.76
N VAL B 624 -8.84 -12.78 -14.43
CA VAL B 624 -10.24 -12.42 -14.31
C VAL B 624 -10.54 -11.58 -13.07
N SER B 625 -9.60 -11.51 -12.13
CA SER B 625 -9.83 -10.78 -10.90
C SER B 625 -9.95 -9.29 -11.17
N ASN B 626 -10.18 -8.52 -10.12
CA ASN B 626 -10.42 -7.10 -10.26
C ASN B 626 -9.27 -6.24 -9.75
N ILE B 627 -8.25 -6.83 -9.13
CA ILE B 627 -7.06 -6.07 -8.78
C ILE B 627 -6.23 -5.86 -10.03
N THR B 628 -5.73 -4.65 -10.22
CA THR B 628 -4.79 -4.41 -11.31
C THR B 628 -3.46 -5.06 -11.03
N ALA B 629 -2.97 -4.92 -9.80
CA ALA B 629 -1.65 -5.39 -9.41
C ALA B 629 -1.54 -6.90 -9.49
N ILE B 630 -2.62 -7.59 -9.86
CA ILE B 630 -2.54 -8.99 -10.23
C ILE B 630 -3.02 -9.27 -11.64
N ARG B 631 -3.90 -8.44 -12.20
CA ARG B 631 -4.20 -8.56 -13.62
C ARG B 631 -2.91 -8.51 -14.43
N CYS B 632 -2.06 -7.53 -14.13
CA CYS B 632 -0.81 -7.38 -14.86
C CYS B 632 0.10 -8.58 -14.65
N PHE B 633 0.29 -8.99 -13.39
CA PHE B 633 1.11 -10.15 -13.09
C PHE B 633 0.64 -11.37 -13.88
N GLY B 634 -0.66 -11.61 -13.86
CA GLY B 634 -1.23 -12.73 -14.57
C GLY B 634 -0.88 -12.69 -16.04
N VAL B 635 -1.23 -11.60 -16.72
CA VAL B 635 -1.01 -11.56 -18.16
C VAL B 635 0.47 -11.73 -18.47
N TYR B 636 1.33 -11.02 -17.73
CA TYR B 636 2.76 -11.09 -18.02
C TYR B 636 3.28 -12.50 -17.88
N ALA B 637 3.07 -13.11 -16.71
CA ALA B 637 3.62 -14.44 -16.50
C ALA B 637 3.00 -15.47 -17.43
N GLY B 638 1.74 -15.27 -17.83
CA GLY B 638 1.13 -16.24 -18.73
C GLY B 638 1.75 -16.21 -20.11
N THR B 639 1.83 -15.02 -20.72
CA THR B 639 2.57 -14.94 -21.97
C THR B 639 3.99 -15.42 -21.80
N ALA B 640 4.59 -15.18 -20.63
CA ALA B 640 5.95 -15.63 -20.40
C ALA B 640 6.05 -17.13 -20.50
N ILE B 641 5.15 -17.86 -19.85
CA ILE B 641 5.26 -19.31 -19.85
C ILE B 641 4.94 -19.87 -21.23
N LEU B 642 4.01 -19.25 -21.96
CA LEU B 642 3.72 -19.73 -23.30
C LEU B 642 4.91 -19.54 -24.22
N VAL B 643 5.50 -18.36 -24.20
CA VAL B 643 6.67 -18.10 -25.02
C VAL B 643 7.81 -19.02 -24.60
N ASN B 644 7.92 -19.30 -23.30
CA ASN B 644 8.92 -20.26 -22.85
C ASN B 644 8.70 -21.61 -23.50
N TYR B 645 7.45 -22.07 -23.53
CA TYR B 645 7.17 -23.36 -24.15
C TYR B 645 7.58 -23.37 -25.61
N VAL B 646 7.15 -22.35 -26.37
CA VAL B 646 7.43 -22.38 -27.80
C VAL B 646 8.93 -22.25 -28.06
N LEU B 647 9.60 -21.39 -27.32
CA LEU B 647 11.03 -21.23 -27.49
C LEU B 647 11.74 -22.53 -27.15
N MET B 648 11.29 -23.24 -26.12
CA MET B 648 11.87 -24.53 -25.82
C MET B 648 11.69 -25.48 -27.00
N VAL B 649 10.44 -25.68 -27.42
CA VAL B 649 10.14 -26.71 -28.41
C VAL B 649 10.86 -26.43 -29.73
N THR B 650 11.22 -25.19 -29.99
CA THR B 650 12.02 -24.96 -31.19
C THR B 650 13.51 -25.00 -30.89
N TRP B 651 13.98 -24.12 -30.01
CA TRP B 651 15.40 -23.99 -29.70
C TRP B 651 15.99 -25.32 -29.26
N LEU B 652 15.47 -25.89 -28.18
CA LEU B 652 16.10 -27.05 -27.55
C LEU B 652 16.37 -28.20 -28.51
N PRO B 653 15.47 -28.59 -29.41
CA PRO B 653 15.84 -29.62 -30.39
C PRO B 653 17.11 -29.30 -31.13
N ALA B 654 17.25 -28.06 -31.59
CA ALA B 654 18.44 -27.67 -32.32
C ALA B 654 19.69 -27.86 -31.49
N VAL B 655 19.75 -27.22 -30.32
CA VAL B 655 20.96 -27.31 -29.52
C VAL B 655 21.22 -28.74 -29.09
N VAL B 656 20.17 -29.53 -28.88
CA VAL B 656 20.37 -30.93 -28.52
C VAL B 656 21.07 -31.68 -29.64
N VAL B 657 20.51 -31.61 -30.85
CA VAL B 657 21.11 -32.35 -31.95
C VAL B 657 22.51 -31.82 -32.25
N LEU B 658 22.74 -30.53 -31.98
CA LEU B 658 24.06 -29.97 -32.17
C LEU B 658 25.07 -30.58 -31.23
N HIS B 659 24.63 -31.21 -30.14
CA HIS B 659 25.55 -31.85 -29.21
C HIS B 659 26.06 -33.13 -29.87
N GLU B 660 27.03 -32.96 -30.78
CA GLU B 660 27.59 -34.10 -31.49
C GLU B 660 28.49 -34.94 -30.60
N ARG B 661 29.11 -34.34 -29.60
CA ARG B 661 30.09 -35.02 -28.75
C ARG B 661 29.46 -36.16 -27.96
N ALA B 687 42.45 -38.19 -12.35
CA ALA B 687 41.78 -37.69 -11.17
C ALA B 687 40.26 -37.65 -11.39
N CYS B 688 39.86 -37.23 -12.58
CA CYS B 688 38.44 -37.17 -12.91
C CYS B 688 37.79 -38.55 -12.94
N GLN B 689 38.59 -39.63 -13.01
CA GLN B 689 38.03 -40.96 -13.16
C GLN B 689 37.27 -41.39 -11.91
N LYS B 690 37.82 -41.13 -10.72
CA LYS B 690 37.13 -41.53 -9.49
C LYS B 690 35.85 -40.75 -9.31
N CYS B 691 35.85 -39.45 -9.63
CA CYS B 691 34.64 -38.67 -9.56
C CYS B 691 33.60 -39.18 -10.56
N HIS B 692 34.02 -39.48 -11.79
CA HIS B 692 33.10 -40.05 -12.77
C HIS B 692 32.53 -41.37 -12.26
N LYS B 693 33.35 -42.15 -11.57
CA LYS B 693 32.88 -43.40 -10.99
C LYS B 693 31.82 -43.16 -9.93
N VAL B 694 32.04 -42.16 -9.07
CA VAL B 694 31.04 -41.91 -8.03
C VAL B 694 29.75 -41.38 -8.66
N LEU B 695 29.86 -40.61 -9.75
CA LEU B 695 28.66 -40.21 -10.49
C LEU B 695 27.91 -41.42 -10.99
N PHE B 696 28.62 -42.34 -11.64
CA PHE B 696 27.99 -43.54 -12.18
C PHE B 696 27.30 -44.34 -11.07
N ALA B 697 28.01 -44.54 -9.95
CA ALA B 697 27.45 -45.33 -8.85
C ALA B 697 26.23 -44.66 -8.25
N ILE B 698 26.26 -43.34 -8.08
CA ILE B 698 25.14 -42.66 -7.47
C ILE B 698 23.95 -42.63 -8.44
N SER B 699 24.21 -42.55 -9.74
CA SER B 699 23.14 -42.64 -10.71
C SER B 699 22.47 -44.00 -10.65
N GLU B 700 23.28 -45.07 -10.58
CA GLU B 700 22.70 -46.40 -10.43
C GLU B 700 21.96 -46.54 -9.12
N ALA B 701 22.43 -45.88 -8.07
CA ALA B 701 21.73 -45.93 -6.79
C ALA B 701 20.36 -45.28 -6.91
N SER B 702 20.29 -44.11 -7.51
CA SER B 702 19.00 -43.48 -7.78
C SER B 702 18.11 -44.39 -8.62
N ARG B 703 18.70 -45.03 -9.63
CA ARG B 703 17.95 -45.92 -10.50
C ARG B 703 17.30 -47.04 -9.70
N ILE B 704 18.09 -47.76 -8.90
CA ILE B 704 17.55 -48.88 -8.14
C ILE B 704 16.56 -48.39 -7.10
N PHE B 705 16.82 -47.21 -6.52
CA PHE B 705 15.88 -46.64 -5.55
C PHE B 705 14.51 -46.46 -6.17
N PHE B 706 14.45 -45.87 -7.36
CA PHE B 706 13.18 -45.74 -8.05
C PHE B 706 12.69 -47.06 -8.62
N GLU B 707 13.55 -48.06 -8.70
CA GLU B 707 13.18 -49.31 -9.37
C GLU B 707 12.45 -50.25 -8.41
N LYS B 708 13.00 -50.47 -7.23
CA LYS B 708 12.40 -51.40 -6.28
C LYS B 708 11.77 -50.74 -5.08
N VAL B 709 12.39 -49.70 -4.54
CA VAL B 709 12.00 -49.20 -3.21
C VAL B 709 10.59 -48.64 -3.25
N LEU B 710 10.36 -47.60 -4.05
CA LEU B 710 9.07 -46.93 -4.07
C LEU B 710 7.90 -47.87 -4.37
N PRO B 711 7.95 -48.73 -5.38
CA PRO B 711 6.84 -49.67 -5.56
C PRO B 711 6.65 -50.54 -4.34
N CYS B 712 7.74 -51.04 -3.76
CA CYS B 712 7.64 -51.85 -2.55
C CYS B 712 6.88 -51.11 -1.47
N ILE B 713 7.25 -49.86 -1.21
CA ILE B 713 6.55 -49.07 -0.19
C ILE B 713 5.07 -48.97 -0.51
N VAL B 714 4.75 -48.43 -1.69
CA VAL B 714 3.36 -48.10 -1.98
C VAL B 714 2.49 -49.35 -1.99
N ILE B 715 3.02 -50.48 -2.45
CA ILE B 715 2.19 -51.68 -2.47
C ILE B 715 2.11 -52.30 -1.08
N LYS B 716 3.23 -52.31 -0.34
CA LYS B 716 3.24 -52.99 0.94
C LYS B 716 2.38 -52.27 1.96
N PHE B 717 2.20 -50.97 1.80
CA PHE B 717 1.22 -50.32 2.68
C PHE B 717 -0.16 -50.25 2.02
N ARG B 718 -0.27 -49.53 0.91
CA ARG B 718 -1.46 -49.51 0.07
C ARG B 718 -2.71 -49.06 0.83
N TYR B 719 -2.55 -48.83 2.13
CA TYR B 719 -3.57 -48.22 2.98
C TYR B 719 -3.02 -47.19 3.94
N LEU B 720 -1.76 -47.30 4.35
CA LEU B 720 -1.20 -46.39 5.34
C LEU B 720 -1.15 -44.97 4.81
N TRP B 721 -0.51 -44.79 3.66
CA TRP B 721 -0.43 -43.47 3.06
C TRP B 721 -1.81 -42.92 2.78
N LEU B 722 -2.73 -43.77 2.30
CA LEU B 722 -4.05 -43.28 1.93
C LEU B 722 -4.79 -42.76 3.16
N PHE B 723 -4.75 -43.53 4.25
CA PHE B 723 -5.38 -43.10 5.49
C PHE B 723 -4.74 -41.83 6.03
N TRP B 724 -3.40 -41.81 6.09
CA TRP B 724 -2.69 -40.65 6.59
C TRP B 724 -3.06 -39.40 5.80
N PHE B 725 -3.19 -39.53 4.50
CA PHE B 725 -3.48 -38.36 3.68
C PHE B 725 -4.94 -37.97 3.75
N LEU B 726 -5.85 -38.93 3.93
CA LEU B 726 -7.22 -38.55 4.25
C LEU B 726 -7.25 -37.74 5.53
N ALA B 727 -6.49 -38.15 6.54
CA ALA B 727 -6.45 -37.42 7.79
C ALA B 727 -5.86 -36.02 7.60
N LEU B 728 -4.84 -35.91 6.75
CA LEU B 728 -4.24 -34.60 6.53
C LEU B 728 -5.18 -33.69 5.77
N THR B 729 -5.91 -34.21 4.78
CA THR B 729 -6.92 -33.42 4.10
C THR B 729 -7.99 -32.97 5.10
N VAL B 730 -8.38 -33.86 6.01
CA VAL B 730 -9.33 -33.49 7.05
C VAL B 730 -8.79 -32.32 7.87
N GLY B 731 -7.57 -32.45 8.37
CA GLY B 731 -6.99 -31.39 9.17
C GLY B 731 -6.90 -30.07 8.42
N GLY B 732 -6.59 -30.14 7.13
CA GLY B 732 -6.51 -28.92 6.34
C GLY B 732 -7.86 -28.25 6.18
N ALA B 733 -8.87 -29.02 5.75
CA ALA B 733 -10.21 -28.48 5.65
C ALA B 733 -10.67 -27.92 6.98
N TYR B 734 -10.24 -28.52 8.09
CA TYR B 734 -10.65 -28.06 9.40
C TYR B 734 -9.99 -26.73 9.75
N ILE B 735 -8.68 -26.65 9.57
CA ILE B 735 -7.98 -25.40 9.89
C ILE B 735 -8.46 -24.28 8.99
N VAL B 736 -8.92 -24.60 7.78
CA VAL B 736 -9.42 -23.55 6.90
C VAL B 736 -10.88 -23.22 7.17
N CYS B 737 -11.64 -24.14 7.77
CA CYS B 737 -13.08 -23.95 7.89
C CYS B 737 -13.47 -23.24 9.20
N ILE B 738 -13.11 -23.80 10.34
CA ILE B 738 -13.63 -23.27 11.59
C ILE B 738 -12.53 -22.80 12.53
N ASN B 739 -11.36 -23.41 12.45
CA ASN B 739 -10.26 -23.10 13.35
C ASN B 739 -9.70 -21.76 12.88
N PRO B 740 -8.65 -21.19 13.55
CA PRO B 740 -8.05 -19.97 12.97
C PRO B 740 -7.75 -20.19 11.51
N LYS B 741 -8.48 -19.50 10.65
CA LYS B 741 -8.59 -19.87 9.27
C LYS B 741 -8.06 -18.76 8.39
N MET B 742 -8.18 -18.96 7.08
CA MET B 742 -7.82 -17.93 6.13
C MET B 742 -8.65 -16.68 6.41
N LYS B 743 -7.97 -15.56 6.65
CA LYS B 743 -8.65 -14.32 7.01
C LYS B 743 -8.13 -13.18 6.16
N LEU B 744 -8.99 -12.19 5.95
CA LEU B 744 -8.65 -11.05 5.13
C LEU B 744 -7.62 -10.19 5.83
N PRO B 745 -7.04 -9.21 5.14
CA PRO B 745 -6.03 -8.36 5.78
C PRO B 745 -6.58 -7.65 6.99
N SER B 746 -5.69 -7.34 7.93
CA SER B 746 -6.04 -6.61 9.14
C SER B 746 -5.46 -5.21 9.20
N LEU B 747 -4.18 -5.05 8.89
CA LEU B 747 -3.58 -3.73 8.95
C LEU B 747 -4.20 -2.82 7.89
N GLU B 748 -3.98 -1.53 8.06
CA GLU B 748 -4.54 -0.54 7.16
C GLU B 748 -3.78 -0.55 5.83
N LEU B 749 -4.46 -0.05 4.79
CA LEU B 749 -3.95 -0.16 3.42
C LEU B 749 -2.50 0.28 3.32
N SER B 750 -2.20 1.44 3.82
CA SER B 750 -0.86 1.91 3.55
C SER B 750 0.18 1.27 4.41
N GLU B 751 -0.06 0.19 5.15
CA GLU B 751 0.96 -0.34 6.04
C GLU B 751 1.12 -1.84 5.89
N PHE B 752 0.82 -2.38 4.71
CA PHE B 752 1.09 -3.78 4.46
C PHE B 752 2.54 -4.08 4.76
N GLN B 753 2.76 -5.07 5.62
CA GLN B 753 4.15 -5.33 6.00
C GLN B 753 4.89 -5.82 4.76
N VAL B 754 5.73 -4.95 4.21
CA VAL B 754 6.44 -5.24 2.99
C VAL B 754 7.82 -5.82 3.24
N PHE B 755 8.36 -5.67 4.43
CA PHE B 755 9.67 -6.20 4.72
C PHE B 755 9.56 -7.40 5.65
N ARG B 756 10.71 -8.04 5.87
CA ARG B 756 10.74 -9.21 6.75
C ARG B 756 10.28 -8.79 8.15
N SER B 757 9.34 -9.56 8.69
CA SER B 757 8.74 -9.19 9.97
C SER B 757 9.78 -8.97 11.05
N SER B 758 10.94 -9.61 10.94
CA SER B 758 12.00 -9.33 11.87
C SER B 758 12.75 -8.05 11.53
N HIS B 759 12.33 -7.34 10.54
CA HIS B 759 13.07 -6.11 10.35
C HIS B 759 12.47 -4.99 11.20
N PRO B 760 13.30 -4.10 11.72
CA PRO B 760 12.79 -3.10 12.67
C PRO B 760 11.67 -2.24 12.13
N PHE B 761 11.81 -1.73 10.90
CA PHE B 761 10.82 -0.81 10.35
C PHE B 761 9.40 -1.33 10.54
N GLU B 762 9.17 -2.59 10.27
CA GLU B 762 7.83 -3.12 10.46
C GLU B 762 7.65 -3.86 11.76
N ARG B 763 8.73 -4.24 12.43
CA ARG B 763 8.56 -4.67 13.81
C ARG B 763 7.91 -3.56 14.63
N TYR B 764 8.11 -2.31 14.21
CA TYR B 764 7.31 -1.21 14.75
C TYR B 764 5.84 -1.54 14.70
N ASP B 765 5.33 -1.79 13.50
CA ASP B 765 3.93 -2.14 13.39
C ASP B 765 3.69 -3.56 13.89
N ALA B 766 2.43 -3.83 14.20
CA ALA B 766 1.96 -5.17 14.53
C ALA B 766 2.54 -5.68 15.84
N GLU B 767 3.49 -4.95 16.42
CA GLU B 767 3.97 -5.35 17.74
C GLU B 767 4.18 -4.18 18.68
N TYR B 768 4.26 -2.96 18.19
CA TYR B 768 4.46 -1.83 19.09
C TYR B 768 3.41 -0.75 18.91
N LYS B 769 3.01 -0.47 17.67
CA LYS B 769 2.01 0.56 17.42
C LYS B 769 0.79 0.38 18.30
N LYS B 770 0.44 -0.86 18.59
CA LYS B 770 -0.69 -1.15 19.45
C LYS B 770 -0.31 -1.19 20.91
N LEU B 771 0.78 -0.54 21.30
CA LEU B 771 1.16 -0.45 22.70
C LEU B 771 1.26 0.98 23.20
N PHE B 772 0.82 1.95 22.42
CA PHE B 772 1.00 3.35 22.77
C PHE B 772 -0.33 4.06 22.92
N MET B 773 -0.48 4.79 24.03
CA MET B 773 -1.73 5.46 24.34
C MET B 773 -2.19 6.32 23.18
N PHE B 774 -1.33 7.23 22.71
CA PHE B 774 -1.77 8.15 21.65
C PHE B 774 -2.18 7.38 20.40
N GLU B 775 -1.36 6.42 19.97
CA GLU B 775 -1.70 5.68 18.77
C GLU B 775 -2.94 4.82 18.97
N ARG B 776 -2.88 3.87 19.90
CA ARG B 776 -4.00 2.95 20.12
C ARG B 776 -5.27 3.71 20.43
N VAL B 777 -5.28 4.46 21.53
CA VAL B 777 -6.44 5.25 21.92
C VAL B 777 -6.85 6.21 20.81
N HIS B 778 -5.93 6.53 19.89
CA HIS B 778 -6.37 7.26 18.72
C HIS B 778 -6.92 6.34 17.64
N HIS B 779 -6.21 5.24 17.37
CA HIS B 779 -6.60 4.39 16.25
C HIS B 779 -7.79 3.52 16.64
N GLY B 780 -8.85 3.57 15.85
CA GLY B 780 -10.05 2.82 16.14
C GLY B 780 -10.81 3.39 17.32
N GLU B 781 -11.25 4.65 17.21
CA GLU B 781 -11.93 5.32 18.31
C GLU B 781 -12.88 6.37 17.75
N GLU B 782 -14.17 6.22 18.06
CA GLU B 782 -15.22 7.20 17.79
C GLU B 782 -15.08 7.90 16.45
N LEU B 783 -14.72 7.16 15.40
CA LEU B 783 -14.68 7.72 14.06
C LEU B 783 -15.93 7.24 13.32
N HIS B 784 -17.00 7.98 13.54
CA HIS B 784 -18.25 7.68 12.84
C HIS B 784 -18.05 7.91 11.35
N MET B 785 -18.13 6.84 10.58
CA MET B 785 -17.96 7.01 9.15
C MET B 785 -19.15 7.80 8.59
N PRO B 786 -18.93 8.58 7.56
CA PRO B 786 -19.99 9.44 7.07
C PRO B 786 -20.80 8.84 5.93
N ILE B 787 -22.11 9.01 5.97
CA ILE B 787 -22.92 8.78 4.78
C ILE B 787 -22.59 9.92 3.84
N THR B 788 -22.98 9.80 2.58
CA THR B 788 -22.62 10.80 1.58
C THR B 788 -23.42 10.50 0.33
N VAL B 789 -23.66 11.53 -0.48
CA VAL B 789 -24.43 11.37 -1.69
C VAL B 789 -24.08 12.51 -2.64
N ILE B 790 -24.16 12.25 -3.94
CA ILE B 790 -23.80 13.18 -4.97
C ILE B 790 -24.98 13.30 -5.92
N TRP B 791 -25.00 14.38 -6.70
CA TRP B 791 -25.93 14.45 -7.83
C TRP B 791 -25.31 14.94 -9.13
N GLY B 792 -24.25 15.75 -9.10
CA GLY B 792 -23.84 16.45 -10.30
C GLY B 792 -23.17 15.58 -11.34
N VAL B 793 -22.66 14.42 -10.95
CA VAL B 793 -21.77 13.64 -11.78
C VAL B 793 -22.33 12.23 -11.90
N SER B 794 -21.60 11.39 -12.64
CA SER B 794 -22.00 10.04 -12.94
C SER B 794 -20.80 9.12 -12.86
N PRO B 795 -20.97 7.92 -12.36
CA PRO B 795 -19.81 7.08 -12.08
C PRO B 795 -19.26 6.42 -13.34
N GLU B 796 -18.48 7.15 -14.12
CA GLU B 796 -17.85 6.57 -15.30
C GLU B 796 -16.34 6.69 -15.13
N ASP B 797 -15.69 5.57 -14.84
CA ASP B 797 -14.25 5.57 -14.69
C ASP B 797 -13.59 5.62 -16.06
N ASN B 798 -13.40 6.82 -16.60
CA ASN B 798 -12.62 6.98 -17.83
C ASN B 798 -11.14 6.86 -17.47
N GLY B 799 -10.74 5.63 -17.20
CA GLY B 799 -9.41 5.39 -16.66
C GLY B 799 -8.67 4.20 -17.25
N ASN B 800 -8.84 3.95 -18.55
CA ASN B 800 -8.31 2.74 -19.16
C ASN B 800 -8.95 1.57 -18.43
N PRO B 801 -10.24 1.33 -18.62
CA PRO B 801 -10.99 0.43 -17.74
C PRO B 801 -10.38 -0.96 -17.64
N LEU B 802 -10.22 -1.63 -18.77
CA LEU B 802 -9.56 -2.92 -18.79
C LEU B 802 -8.08 -2.73 -18.49
N ASN B 803 -7.66 -3.14 -17.29
CA ASN B 803 -6.30 -3.01 -16.80
C ASN B 803 -5.83 -1.56 -16.86
N PRO B 804 -6.34 -0.69 -16.00
CA PRO B 804 -5.76 0.66 -15.90
C PRO B 804 -4.30 0.59 -15.53
N LYS B 805 -3.61 1.71 -15.73
CA LYS B 805 -2.22 1.83 -15.35
C LYS B 805 -2.06 2.35 -13.93
N SER B 806 -3.09 2.23 -13.10
CA SER B 806 -3.14 2.87 -11.80
C SER B 806 -2.93 4.38 -11.92
N LYS B 807 -3.25 4.92 -13.09
CA LYS B 807 -3.29 6.35 -13.33
C LYS B 807 -4.33 6.62 -14.41
N GLY B 808 -4.91 7.80 -14.37
CA GLY B 808 -5.84 8.19 -15.41
C GLY B 808 -7.28 8.26 -14.97
N LYS B 809 -7.79 9.47 -14.80
CA LYS B 809 -9.17 9.69 -14.41
C LYS B 809 -9.63 11.01 -15.02
N LEU B 810 -10.94 11.17 -15.15
CA LEU B 810 -11.49 12.42 -15.66
C LEU B 810 -12.95 12.51 -15.27
N THR B 811 -13.35 13.67 -14.75
CA THR B 811 -14.71 13.88 -14.27
C THR B 811 -15.64 14.13 -15.43
N LEU B 812 -16.86 14.54 -15.13
CA LEU B 812 -17.86 14.91 -16.14
C LEU B 812 -19.01 15.61 -15.43
N ASP B 813 -20.05 15.92 -16.20
CA ASP B 813 -21.26 16.50 -15.66
C ASP B 813 -22.48 15.70 -16.11
N SER B 814 -23.53 15.77 -15.32
CA SER B 814 -24.78 15.10 -15.63
C SER B 814 -25.70 16.07 -16.39
N SER B 815 -26.98 15.71 -16.50
CA SER B 815 -27.96 16.51 -17.21
C SER B 815 -29.17 16.77 -16.32
N PHE B 816 -28.91 17.22 -15.09
CA PHE B 816 -29.95 17.54 -14.12
C PHE B 816 -30.03 19.04 -13.92
N ASN B 817 -31.08 19.47 -13.21
CA ASN B 817 -31.22 20.85 -12.80
C ASN B 817 -31.77 20.88 -11.37
N ILE B 818 -30.97 21.41 -10.45
CA ILE B 818 -31.41 21.51 -9.07
C ILE B 818 -32.51 22.54 -8.90
N ALA B 819 -32.69 23.44 -9.86
CA ALA B 819 -33.49 24.63 -9.63
C ALA B 819 -34.99 24.36 -9.53
N SER B 820 -35.45 23.23 -10.06
CA SER B 820 -36.89 22.98 -10.11
C SER B 820 -37.47 23.02 -8.70
N PRO B 821 -38.64 23.66 -8.52
CA PRO B 821 -39.25 23.69 -7.18
C PRO B 821 -39.38 22.31 -6.56
N ALA B 822 -39.92 21.35 -7.31
CA ALA B 822 -39.99 19.99 -6.83
C ALA B 822 -38.62 19.42 -6.51
N SER B 823 -37.57 19.91 -7.19
CA SER B 823 -36.24 19.39 -6.93
C SER B 823 -35.79 19.71 -5.50
N GLN B 824 -35.75 20.99 -5.14
CA GLN B 824 -35.36 21.33 -3.77
C GLN B 824 -36.36 20.80 -2.76
N ALA B 825 -37.65 20.79 -3.10
CA ALA B 825 -38.62 20.20 -2.20
C ALA B 825 -38.29 18.74 -1.91
N TRP B 826 -37.93 17.99 -2.95
CA TRP B 826 -37.60 16.59 -2.80
C TRP B 826 -36.34 16.41 -2.00
N ILE B 827 -35.34 17.27 -2.22
CA ILE B 827 -34.10 17.17 -1.44
C ILE B 827 -34.39 17.41 0.03
N LEU B 828 -35.21 18.43 0.33
CA LEU B 828 -35.62 18.69 1.69
C LEU B 828 -36.26 17.45 2.30
N HIS B 829 -37.28 16.93 1.64
CA HIS B 829 -37.96 15.74 2.15
C HIS B 829 -37.01 14.56 2.27
N PHE B 830 -35.98 14.51 1.43
CA PHE B 830 -34.97 13.47 1.52
C PHE B 830 -34.21 13.57 2.83
N CYS B 831 -33.68 14.76 3.12
CA CYS B 831 -33.05 14.96 4.41
C CYS B 831 -34.00 14.62 5.54
N GLN B 832 -35.28 14.95 5.36
CA GLN B 832 -36.28 14.64 6.38
C GLN B 832 -36.33 13.14 6.65
N LYS B 833 -36.54 12.35 5.59
CA LYS B 833 -36.63 10.91 5.77
C LYS B 833 -35.35 10.35 6.38
N LEU B 834 -34.20 10.87 5.96
CA LEU B 834 -32.94 10.36 6.50
C LEU B 834 -32.76 10.75 7.96
N ARG B 835 -33.41 11.83 8.39
CA ARG B 835 -33.41 12.15 9.81
C ARG B 835 -34.16 11.09 10.62
N ASN B 836 -34.90 10.20 9.97
CA ASN B 836 -35.48 9.00 10.56
C ASN B 836 -34.76 7.79 10.00
N GLN B 837 -33.77 7.29 10.73
CA GLN B 837 -33.22 5.99 10.42
C GLN B 837 -32.48 5.47 11.65
N THR B 838 -31.88 4.30 11.50
CA THR B 838 -31.19 3.64 12.60
C THR B 838 -29.72 4.05 12.66
N PHE B 839 -29.02 3.95 11.53
CA PHE B 839 -27.60 4.23 11.50
C PHE B 839 -27.27 5.70 11.76
N PHE B 840 -28.26 6.58 11.69
CA PHE B 840 -28.05 7.99 11.93
C PHE B 840 -27.47 8.22 13.32
N TYR B 841 -26.95 9.42 13.53
CA TYR B 841 -26.42 9.79 14.84
C TYR B 841 -26.68 11.27 15.02
N GLN B 842 -27.78 11.61 15.69
CA GLN B 842 -28.18 13.00 15.90
C GLN B 842 -27.28 13.62 16.96
N THR B 843 -26.07 13.99 16.54
CA THR B 843 -25.12 14.59 17.47
C THR B 843 -25.63 15.92 18.00
N ASP B 844 -26.29 16.72 17.15
CA ASP B 844 -26.88 18.00 17.53
C ASP B 844 -25.81 19.02 17.92
N GLU B 845 -24.83 19.23 17.04
CA GLU B 845 -23.89 20.33 17.21
C GLU B 845 -23.57 21.03 15.89
N GLN B 846 -24.25 20.69 14.81
CA GLN B 846 -23.90 21.21 13.50
C GLN B 846 -24.73 22.45 13.18
N ASP B 847 -24.21 23.25 12.26
CA ASP B 847 -24.95 24.39 11.72
C ASP B 847 -24.94 24.37 10.20
N PHE B 848 -23.82 23.93 9.62
CA PHE B 848 -23.61 24.05 8.18
C PHE B 848 -23.08 22.76 7.56
N THR B 849 -23.06 21.66 8.30
CA THR B 849 -22.44 20.44 7.78
C THR B 849 -23.42 19.53 7.06
N SER B 850 -24.67 19.51 7.50
CA SER B 850 -25.67 18.67 6.87
C SER B 850 -26.19 19.36 5.61
N CYS B 851 -27.30 18.86 5.08
CA CYS B 851 -27.86 19.39 3.84
C CYS B 851 -28.14 20.88 3.96
N PHE B 852 -27.78 21.62 2.92
CA PHE B 852 -27.86 23.08 2.96
C PHE B 852 -29.25 23.61 2.66
N ILE B 853 -30.22 22.76 2.36
CA ILE B 853 -31.55 23.26 2.04
C ILE B 853 -32.21 23.82 3.30
N GLU B 854 -32.22 23.03 4.37
CA GLU B 854 -32.64 23.55 5.66
C GLU B 854 -31.81 24.76 6.05
N THR B 855 -30.56 24.83 5.60
CA THR B 855 -29.72 25.97 5.92
C THR B 855 -30.26 27.24 5.27
N PHE B 856 -30.57 27.17 3.97
CA PHE B 856 -31.37 28.22 3.35
C PHE B 856 -32.55 28.57 4.22
N LYS B 857 -33.36 27.57 4.52
CA LYS B 857 -34.59 27.78 5.28
C LYS B 857 -34.34 28.64 6.50
N GLN B 858 -33.29 28.33 7.26
CA GLN B 858 -32.95 29.14 8.41
C GLN B 858 -32.45 30.51 7.98
N TRP B 859 -31.54 30.54 7.00
CA TRP B 859 -31.06 31.83 6.53
C TRP B 859 -32.12 32.59 5.76
N MET B 860 -33.28 32.00 5.51
CA MET B 860 -34.35 32.74 4.87
C MET B 860 -35.02 33.67 5.87
N GLU B 861 -36.20 34.17 5.53
CA GLU B 861 -36.92 35.18 6.32
C GLU B 861 -36.00 36.32 6.73
N ASN B 862 -35.04 36.65 5.86
CA ASN B 862 -34.15 37.79 6.04
C ASN B 862 -34.56 38.85 5.03
N GLN B 863 -35.23 39.89 5.51
CA GLN B 863 -35.90 40.88 4.67
C GLN B 863 -35.06 42.14 4.54
N ASP B 864 -35.42 42.96 3.55
CA ASP B 864 -34.93 44.31 3.27
C ASP B 864 -33.56 44.33 2.62
N CYS B 865 -33.03 43.18 2.20
CA CYS B 865 -31.73 43.16 1.51
C CYS B 865 -31.88 43.62 0.07
N CYS B 873 -33.25 42.19 -2.64
CA CYS B 873 -34.21 41.72 -1.66
C CYS B 873 -34.57 40.25 -1.90
N CYS B 874 -34.56 39.46 -0.82
CA CYS B 874 -34.89 38.03 -0.94
C CYS B 874 -35.41 37.54 0.42
N SER B 875 -36.72 37.41 0.54
CA SER B 875 -37.39 36.93 1.75
C SER B 875 -38.88 36.82 1.46
N HIS B 876 -39.60 36.23 2.41
CA HIS B 876 -41.06 36.13 2.38
C HIS B 876 -41.50 35.38 1.11
N TRP B 877 -41.15 34.10 1.07
CA TRP B 877 -41.57 33.21 0.00
C TRP B 877 -41.88 31.84 0.58
N SER B 878 -42.27 30.92 -0.30
CA SER B 878 -42.54 29.55 0.11
C SER B 878 -41.24 28.78 0.30
N PHE B 879 -41.36 27.60 0.88
CA PHE B 879 -40.19 26.75 1.12
C PHE B 879 -39.66 26.19 -0.18
N PRO B 880 -40.50 25.82 -1.14
CA PRO B 880 -40.03 25.70 -2.52
C PRO B 880 -39.97 27.07 -3.16
N TYR B 881 -39.34 27.11 -4.34
CA TYR B 881 -39.13 28.38 -5.02
C TYR B 881 -39.33 28.21 -6.52
N LYS B 882 -39.58 29.35 -7.17
CA LYS B 882 -39.89 29.40 -8.60
C LYS B 882 -38.64 29.35 -9.47
N GLN B 883 -37.52 28.91 -8.90
CA GLN B 883 -36.25 28.71 -9.58
C GLN B 883 -35.57 30.03 -9.89
N GLU B 884 -36.32 31.13 -9.81
CA GLU B 884 -35.78 32.45 -10.17
C GLU B 884 -35.22 33.13 -8.94
N ILE B 885 -36.06 33.35 -7.94
CA ILE B 885 -35.57 33.68 -6.62
C ILE B 885 -34.49 32.69 -6.21
N PHE B 886 -34.67 31.43 -6.58
CA PHE B 886 -33.69 30.40 -6.25
C PHE B 886 -32.33 30.73 -6.85
N GLU B 887 -32.27 30.90 -8.17
CA GLU B 887 -30.98 31.13 -8.81
C GLU B 887 -30.36 32.43 -8.33
N LEU B 888 -31.16 33.47 -8.12
CA LEU B 888 -30.56 34.73 -7.66
C LEU B 888 -30.08 34.62 -6.23
N CYS B 889 -30.75 33.83 -5.40
CA CYS B 889 -30.50 33.84 -3.98
C CYS B 889 -29.43 32.85 -3.56
N ILE B 890 -29.27 31.76 -4.29
CA ILE B 890 -28.31 30.73 -3.87
C ILE B 890 -26.90 31.32 -3.74
N LYS B 891 -26.38 31.88 -4.83
CA LYS B 891 -25.05 32.47 -4.80
C LYS B 891 -24.98 33.63 -3.82
N ARG B 892 -25.97 34.52 -3.89
CA ARG B 892 -26.05 35.64 -2.96
C ARG B 892 -25.87 35.17 -1.52
N ALA B 893 -26.68 34.19 -1.12
CA ALA B 893 -26.73 33.78 0.27
C ALA B 893 -25.45 33.08 0.68
N ILE B 894 -24.95 32.15 -0.14
CA ILE B 894 -23.74 31.45 0.27
C ILE B 894 -22.56 32.40 0.32
N MET B 895 -22.50 33.35 -0.61
CA MET B 895 -21.46 34.36 -0.54
C MET B 895 -21.61 35.21 0.70
N GLU B 896 -22.84 35.48 1.11
CA GLU B 896 -23.05 36.26 2.33
C GLU B 896 -22.69 35.45 3.57
N LEU B 897 -22.84 34.13 3.50
CA LEU B 897 -22.36 33.27 4.57
C LEU B 897 -20.84 33.33 4.68
N GLU B 898 -20.17 33.32 3.53
CA GLU B 898 -18.71 33.49 3.56
C GLU B 898 -18.32 34.89 4.01
N ARG B 899 -19.13 35.90 3.69
CA ARG B 899 -18.81 37.28 4.06
C ARG B 899 -18.99 37.52 5.55
N SER B 900 -20.02 36.92 6.15
CA SER B 900 -20.21 37.04 7.59
C SER B 900 -18.99 36.55 8.34
N THR B 901 -18.68 35.26 8.20
CA THR B 901 -17.45 34.69 8.74
C THR B 901 -17.14 33.47 7.87
N GLY B 902 -16.20 33.64 6.94
CA GLY B 902 -15.90 32.58 6.00
C GLY B 902 -15.25 31.40 6.69
N TYR B 903 -15.79 30.21 6.43
CA TYR B 903 -15.20 28.98 6.91
C TYR B 903 -14.76 28.15 5.70
N HIS B 904 -13.53 27.66 5.75
CA HIS B 904 -12.98 26.89 4.64
C HIS B 904 -13.88 25.72 4.28
N LEU B 905 -14.04 25.51 2.98
CA LEU B 905 -14.84 24.42 2.43
C LEU B 905 -13.94 23.69 1.46
N ASP B 906 -13.15 22.76 1.99
CA ASP B 906 -12.03 22.20 1.24
C ASP B 906 -12.41 20.87 0.60
N SER B 907 -13.39 20.93 -0.29
CA SER B 907 -13.79 19.79 -1.13
C SER B 907 -14.11 18.54 -0.29
N LYS B 908 -14.48 18.73 0.96
CA LYS B 908 -15.04 17.66 1.76
C LYS B 908 -16.39 18.03 2.35
N THR B 909 -16.77 19.29 2.29
CA THR B 909 -17.91 19.82 3.01
C THR B 909 -19.17 19.60 2.20
N PRO B 910 -20.33 19.94 2.75
CA PRO B 910 -21.57 19.83 1.97
C PRO B 910 -21.67 20.87 0.86
N GLY B 911 -20.60 21.63 0.66
CA GLY B 911 -20.63 22.73 -0.27
C GLY B 911 -21.10 22.34 -1.65
N PRO B 912 -22.22 22.91 -2.07
CA PRO B 912 -22.66 22.73 -3.47
C PRO B 912 -21.58 23.17 -4.43
N ARG B 913 -21.74 22.77 -5.69
CA ARG B 913 -20.69 22.90 -6.67
C ARG B 913 -21.15 23.78 -7.82
N PHE B 914 -20.43 24.88 -8.04
CA PHE B 914 -20.66 25.77 -9.16
C PHE B 914 -19.35 25.93 -9.95
N ASP B 915 -19.47 26.32 -11.21
CA ASP B 915 -18.35 26.28 -12.12
C ASP B 915 -17.84 27.70 -12.40
N ILE B 916 -16.87 27.80 -13.31
CA ILE B 916 -16.26 29.08 -13.64
C ILE B 916 -17.32 30.12 -13.94
N ASN B 917 -18.22 29.81 -14.85
CA ASN B 917 -19.38 30.66 -15.04
C ASN B 917 -20.47 30.25 -14.05
N ASP B 918 -21.43 31.15 -13.85
CA ASP B 918 -22.36 31.05 -12.72
C ASP B 918 -23.41 29.99 -12.99
N THR B 919 -23.21 28.79 -12.44
CA THR B 919 -24.24 27.75 -12.43
C THR B 919 -23.87 26.64 -11.45
N ILE B 920 -24.79 26.31 -10.55
CA ILE B 920 -24.57 25.19 -9.63
C ILE B 920 -24.56 23.89 -10.41
N ARG B 921 -23.66 22.99 -10.04
CA ARG B 921 -23.52 21.77 -10.83
C ARG B 921 -23.59 20.49 -10.01
N ALA B 922 -23.14 20.50 -8.75
CA ALA B 922 -23.19 19.29 -7.95
C ALA B 922 -23.52 19.64 -6.50
N VAL B 923 -24.14 18.68 -5.81
CA VAL B 923 -24.94 18.97 -4.62
C VAL B 923 -24.51 18.10 -3.45
N VAL B 924 -23.22 17.80 -3.35
CA VAL B 924 -22.72 16.90 -2.31
C VAL B 924 -23.29 17.28 -0.95
N LEU B 925 -23.63 16.26 -0.16
CA LEU B 925 -24.07 16.44 1.23
C LEU B 925 -23.86 15.12 1.96
N GLU B 926 -23.66 15.21 3.28
CA GLU B 926 -23.24 14.05 4.05
C GLU B 926 -23.97 14.01 5.39
N PHE B 927 -23.56 13.07 6.24
CA PHE B 927 -24.22 12.77 7.50
C PHE B 927 -23.22 12.08 8.42
N GLN B 928 -23.72 11.46 9.48
CA GLN B 928 -22.89 10.74 10.43
C GLN B 928 -23.55 9.42 10.78
N SER B 929 -22.81 8.33 10.66
CA SER B 929 -23.31 7.00 10.96
C SER B 929 -23.02 6.64 12.41
N THR B 930 -23.20 5.37 12.76
CA THR B 930 -22.98 4.89 14.11
C THR B 930 -22.23 3.56 14.13
N TYR B 931 -21.33 3.33 13.18
CA TYR B 931 -20.71 2.03 13.03
C TYR B 931 -19.24 1.99 13.41
N LEU B 932 -18.62 3.14 13.64
CA LEU B 932 -17.33 3.22 14.32
C LEU B 932 -16.18 2.65 13.50
N PHE B 933 -16.27 2.70 12.17
CA PHE B 933 -15.13 2.53 11.28
C PHE B 933 -14.29 1.30 11.66
N THR B 934 -14.90 0.13 11.50
CA THR B 934 -14.19 -1.10 11.78
C THR B 934 -13.20 -1.38 10.65
N LEU B 935 -12.57 -2.55 10.72
CA LEU B 935 -11.74 -3.05 9.64
C LEU B 935 -12.14 -4.44 9.19
N ALA B 936 -12.67 -5.27 10.08
CA ALA B 936 -13.10 -6.58 9.66
C ALA B 936 -14.24 -6.46 8.65
N TYR B 937 -14.40 -7.51 7.85
CA TYR B 937 -15.31 -7.45 6.71
C TYR B 937 -16.76 -7.29 7.16
N GLU B 938 -17.25 -8.24 7.96
CA GLU B 938 -18.69 -8.45 8.07
C GLU B 938 -19.41 -7.20 8.52
N LYS B 939 -18.85 -6.45 9.48
CA LYS B 939 -19.54 -5.27 9.96
C LYS B 939 -19.70 -4.24 8.85
N MET B 940 -18.60 -3.95 8.16
CA MET B 940 -18.66 -3.05 7.02
C MET B 940 -19.66 -3.53 6.00
N HIS B 941 -19.70 -4.84 5.73
CA HIS B 941 -20.61 -5.32 4.70
C HIS B 941 -22.05 -5.09 5.11
N GLN B 942 -22.39 -5.46 6.34
CA GLN B 942 -23.73 -5.20 6.84
C GLN B 942 -24.08 -3.73 6.68
N PHE B 943 -23.16 -2.86 7.07
CA PHE B 943 -23.38 -1.43 6.95
C PHE B 943 -23.68 -1.04 5.51
N TYR B 944 -22.72 -1.28 4.63
CA TYR B 944 -22.85 -0.80 3.26
C TYR B 944 -24.05 -1.41 2.57
N LYS B 945 -24.32 -2.69 2.84
CA LYS B 945 -25.44 -3.36 2.20
C LYS B 945 -26.75 -2.69 2.60
N GLU B 946 -26.99 -2.52 3.90
CA GLU B 946 -28.25 -1.92 4.30
C GLU B 946 -28.36 -0.48 3.80
N VAL B 947 -27.25 0.26 3.82
CA VAL B 947 -27.32 1.67 3.47
C VAL B 947 -27.62 1.83 1.99
N ASP B 948 -26.84 1.16 1.13
CA ASP B 948 -27.12 1.23 -0.29
C ASP B 948 -28.48 0.64 -0.61
N SER B 949 -28.91 -0.35 0.16
CA SER B 949 -30.25 -0.90 -0.02
C SER B 949 -31.29 0.20 0.12
N TRP B 950 -31.16 1.03 1.15
CA TRP B 950 -32.13 2.12 1.29
C TRP B 950 -31.95 3.17 0.19
N ILE B 951 -30.74 3.69 0.04
CA ILE B 951 -30.55 4.84 -0.82
C ILE B 951 -30.87 4.50 -2.27
N SER B 952 -30.72 3.24 -2.64
CA SER B 952 -31.12 2.80 -3.98
C SER B 952 -32.56 3.17 -4.27
N SER B 953 -33.41 3.18 -3.23
CA SER B 953 -34.79 3.62 -3.37
C SER B 953 -34.81 5.13 -3.47
N GLU B 954 -34.67 5.63 -4.70
CA GLU B 954 -34.66 7.07 -4.90
C GLU B 954 -36.08 7.59 -5.17
N LEU B 955 -36.77 7.03 -6.16
CA LEU B 955 -38.14 7.40 -6.49
C LEU B 955 -38.31 8.91 -6.60
N SER B 956 -37.27 9.61 -7.05
CA SER B 956 -37.36 11.05 -7.15
C SER B 956 -38.09 11.45 -8.42
N SER B 957 -38.14 12.75 -8.66
CA SER B 957 -38.75 13.27 -9.87
C SER B 957 -37.77 13.15 -11.04
N ALA B 958 -38.26 13.45 -12.24
CA ALA B 958 -37.45 13.30 -13.44
C ALA B 958 -36.12 14.03 -13.37
N PRO B 959 -36.05 15.30 -12.98
CA PRO B 959 -34.74 15.91 -12.78
C PRO B 959 -33.99 15.22 -11.66
N GLU B 960 -32.65 15.22 -11.79
CA GLU B 960 -31.73 14.59 -10.85
C GLU B 960 -32.25 13.26 -10.35
N GLY B 961 -32.86 12.48 -11.23
CA GLY B 961 -33.36 11.18 -10.86
C GLY B 961 -32.57 10.01 -11.42
N LEU B 962 -31.48 10.26 -12.12
CA LEU B 962 -30.75 9.22 -12.83
C LEU B 962 -29.45 8.89 -12.10
N SER B 963 -29.31 7.63 -11.68
CA SER B 963 -28.04 7.07 -11.21
C SER B 963 -27.40 7.92 -10.13
N ASN B 964 -28.21 8.69 -9.42
CA ASN B 964 -27.70 9.65 -8.46
C ASN B 964 -27.40 9.03 -7.11
N GLY B 965 -27.63 7.74 -6.93
CA GLY B 965 -27.54 7.09 -5.64
C GLY B 965 -26.24 7.39 -4.93
N TRP B 966 -25.14 6.88 -5.45
CA TRP B 966 -23.85 7.46 -5.14
C TRP B 966 -23.39 7.35 -3.70
N PHE B 967 -24.18 6.75 -2.82
CA PHE B 967 -23.72 6.59 -1.46
C PHE B 967 -22.30 6.08 -1.42
N VAL B 968 -21.42 6.82 -0.77
CA VAL B 968 -20.03 6.43 -0.73
C VAL B 968 -19.39 6.93 0.54
N SER B 969 -18.90 6.01 1.35
CA SER B 969 -18.14 6.38 2.53
C SER B 969 -16.67 6.30 2.19
N ASN B 970 -15.85 6.24 3.22
CA ASN B 970 -14.43 5.97 3.06
C ASN B 970 -14.13 4.49 2.95
N LEU B 971 -15.09 3.69 2.50
CA LEU B 971 -14.95 2.25 2.62
C LEU B 971 -14.07 1.67 1.51
N GLU B 972 -12.91 2.29 1.31
CA GLU B 972 -11.98 1.79 0.29
C GLU B 972 -11.45 0.43 0.69
N PHE B 973 -10.85 0.36 1.88
CA PHE B 973 -10.33 -0.89 2.41
C PHE B 973 -11.34 -2.00 2.30
N TYR B 974 -12.60 -1.69 2.59
CA TYR B 974 -13.68 -2.65 2.37
C TYR B 974 -13.66 -3.17 0.94
N ASP B 975 -13.53 -2.26 -0.02
CA ASP B 975 -13.59 -2.68 -1.41
C ASP B 975 -12.42 -3.59 -1.77
N LEU B 976 -11.22 -3.17 -1.37
CA LEU B 976 -10.06 -4.02 -1.57
C LEU B 976 -10.33 -5.41 -1.03
N GLN B 977 -10.79 -5.50 0.22
CA GLN B 977 -10.96 -6.80 0.85
C GLN B 977 -11.97 -7.66 0.09
N ASP B 978 -13.14 -7.09 -0.19
CA ASP B 978 -14.17 -7.86 -0.88
C ASP B 978 -13.67 -8.39 -2.20
N SER B 979 -13.07 -7.51 -3.00
CA SER B 979 -12.68 -7.97 -4.31
C SER B 979 -11.53 -8.95 -4.22
N LEU B 980 -10.68 -8.84 -3.20
CA LEU B 980 -9.61 -9.80 -3.05
C LEU B 980 -10.17 -11.19 -2.78
N SER B 981 -11.13 -11.28 -1.87
CA SER B 981 -11.74 -12.57 -1.58
C SER B 981 -12.40 -13.14 -2.83
N ASP B 982 -13.29 -12.37 -3.44
CA ASP B 982 -14.01 -12.87 -4.60
C ASP B 982 -13.05 -13.27 -5.71
N GLY B 983 -11.97 -12.51 -5.88
CA GLY B 983 -11.03 -12.80 -6.95
C GLY B 983 -10.28 -14.09 -6.72
N THR B 984 -9.75 -14.29 -5.52
CA THR B 984 -9.04 -15.54 -5.27
C THR B 984 -10.00 -16.73 -5.40
N LEU B 985 -11.26 -16.56 -4.98
CA LEU B 985 -12.21 -17.64 -5.12
C LEU B 985 -12.42 -18.00 -6.59
N ILE B 986 -12.84 -17.02 -7.39
CA ILE B 986 -13.18 -17.32 -8.78
C ILE B 986 -11.95 -17.79 -9.55
N ALA B 987 -10.77 -17.30 -9.18
CA ALA B 987 -9.56 -17.72 -9.88
C ALA B 987 -9.24 -19.17 -9.56
N MET B 988 -9.30 -19.55 -8.29
CA MET B 988 -9.17 -20.96 -7.93
C MET B 988 -10.16 -21.80 -8.71
N GLY B 989 -11.39 -21.32 -8.84
CA GLY B 989 -12.40 -22.07 -9.57
C GLY B 989 -11.99 -22.31 -11.02
N LEU B 990 -11.64 -21.24 -11.73
CA LEU B 990 -11.23 -21.40 -13.12
C LEU B 990 -10.02 -22.31 -13.24
N SER B 991 -9.10 -22.22 -12.29
CA SER B 991 -7.89 -23.03 -12.39
C SER B 991 -8.21 -24.51 -12.26
N VAL B 992 -9.00 -24.88 -11.25
CA VAL B 992 -9.33 -26.29 -11.11
C VAL B 992 -10.17 -26.75 -12.30
N ALA B 993 -11.01 -25.87 -12.83
CA ALA B 993 -11.80 -26.25 -14.00
C ALA B 993 -10.90 -26.60 -15.17
N VAL B 994 -9.94 -25.72 -15.49
CA VAL B 994 -9.10 -26.00 -16.64
C VAL B 994 -8.21 -27.21 -16.38
N ALA B 995 -7.78 -27.41 -15.14
CA ALA B 995 -6.98 -28.59 -14.82
C ALA B 995 -7.76 -29.87 -15.10
N PHE B 996 -8.99 -29.94 -14.60
CA PHE B 996 -9.82 -31.12 -14.84
C PHE B 996 -10.10 -31.31 -16.31
N SER B 997 -10.35 -30.22 -17.04
CA SER B 997 -10.66 -30.34 -18.46
C SER B 997 -9.47 -30.91 -19.22
N VAL B 998 -8.27 -30.38 -18.96
CA VAL B 998 -7.11 -30.89 -19.68
C VAL B 998 -6.80 -32.31 -19.23
N MET B 999 -7.12 -32.66 -17.98
CA MET B 999 -6.94 -34.03 -17.54
C MET B 999 -7.83 -34.98 -18.35
N LEU B 1000 -9.08 -34.58 -18.57
CA LEU B 1000 -9.93 -35.32 -19.50
C LEU B 1000 -9.28 -35.43 -20.86
N LEU B 1001 -8.90 -34.28 -21.45
CA LEU B 1001 -8.39 -34.27 -22.81
C LEU B 1001 -7.09 -35.04 -22.95
N THR B 1002 -6.40 -35.35 -21.86
CA THR B 1002 -5.18 -36.13 -21.96
C THR B 1002 -5.38 -37.60 -21.65
N THR B 1003 -6.04 -37.95 -20.55
CA THR B 1003 -6.16 -39.35 -20.18
C THR B 1003 -7.35 -40.03 -20.81
N TRP B 1004 -8.38 -39.28 -21.19
CA TRP B 1004 -9.60 -39.81 -21.79
C TRP B 1004 -10.34 -40.75 -20.85
N ASN B 1005 -10.01 -40.77 -19.56
CA ASN B 1005 -10.69 -41.60 -18.59
C ASN B 1005 -11.24 -40.72 -17.49
N ILE B 1006 -12.56 -40.80 -17.29
CA ILE B 1006 -13.21 -39.98 -16.27
C ILE B 1006 -12.71 -40.36 -14.88
N ILE B 1007 -12.58 -41.66 -14.63
CA ILE B 1007 -12.26 -42.13 -13.28
C ILE B 1007 -10.96 -41.51 -12.80
N ILE B 1008 -9.86 -41.76 -13.51
CA ILE B 1008 -8.57 -41.29 -13.06
C ILE B 1008 -8.53 -39.77 -13.03
N SER B 1009 -9.33 -39.11 -13.88
CA SER B 1009 -9.42 -37.66 -13.80
C SER B 1009 -10.01 -37.21 -12.47
N LEU B 1010 -11.11 -37.84 -12.04
CA LEU B 1010 -11.68 -37.51 -10.73
C LEU B 1010 -10.69 -37.83 -9.62
N TYR B 1011 -9.93 -38.90 -9.77
CA TYR B 1011 -8.94 -39.24 -8.74
C TYR B 1011 -7.84 -38.19 -8.68
N ALA B 1012 -7.38 -37.72 -9.83
CA ALA B 1012 -6.40 -36.62 -9.84
C ALA B 1012 -7.00 -35.37 -9.22
N ILE B 1013 -8.30 -35.15 -9.42
CA ILE B 1013 -8.95 -34.00 -8.81
C ILE B 1013 -8.90 -34.12 -7.30
N ILE B 1014 -9.25 -35.30 -6.78
CA ILE B 1014 -9.10 -35.56 -5.35
C ILE B 1014 -7.69 -35.24 -4.90
N SER B 1015 -6.71 -35.70 -5.69
CA SER B 1015 -5.31 -35.46 -5.35
C SER B 1015 -5.03 -33.98 -5.19
N ILE B 1016 -5.26 -33.21 -6.24
CA ILE B 1016 -4.87 -31.81 -6.24
C ILE B 1016 -5.66 -31.04 -5.21
N ALA B 1017 -6.92 -31.44 -4.97
CA ALA B 1017 -7.69 -30.78 -3.93
C ALA B 1017 -7.06 -31.01 -2.55
N GLY B 1018 -6.70 -32.26 -2.26
CA GLY B 1018 -5.99 -32.51 -1.02
C GLY B 1018 -4.71 -31.71 -0.90
N THR B 1019 -3.98 -31.61 -2.01
CA THR B 1019 -2.73 -30.85 -2.00
C THR B 1019 -2.97 -29.40 -1.64
N ILE B 1020 -3.86 -28.73 -2.38
CA ILE B 1020 -4.07 -27.31 -2.12
C ILE B 1020 -4.59 -27.12 -0.70
N PHE B 1021 -5.44 -28.04 -0.23
CA PHE B 1021 -5.96 -27.90 1.12
C PHE B 1021 -4.85 -27.98 2.15
N VAL B 1022 -4.00 -29.00 2.06
CA VAL B 1022 -2.98 -29.13 3.10
C VAL B 1022 -1.97 -28.01 2.99
N THR B 1023 -1.66 -27.52 1.79
CA THR B 1023 -0.65 -26.48 1.69
C THR B 1023 -1.19 -25.15 2.23
N VAL B 1024 -2.44 -24.80 1.89
CA VAL B 1024 -2.97 -23.57 2.44
C VAL B 1024 -3.18 -23.71 3.94
N GLY B 1025 -3.43 -24.92 4.42
CA GLY B 1025 -3.51 -25.12 5.85
C GLY B 1025 -2.18 -24.86 6.53
N SER B 1026 -1.09 -25.34 5.94
CA SER B 1026 0.23 -25.02 6.46
C SER B 1026 0.48 -23.53 6.42
N LEU B 1027 0.13 -22.88 5.32
CA LEU B 1027 0.31 -21.43 5.22
C LEU B 1027 -0.40 -20.72 6.36
N VAL B 1028 -1.70 -20.95 6.51
CA VAL B 1028 -2.45 -20.27 7.56
C VAL B 1028 -1.93 -20.66 8.93
N LEU B 1029 -1.38 -21.86 9.06
CA LEU B 1029 -0.69 -22.22 10.29
C LEU B 1029 0.48 -21.29 10.54
N LEU B 1030 1.15 -20.86 9.48
CA LEU B 1030 2.21 -19.88 9.62
C LEU B 1030 1.69 -18.45 9.64
N GLY B 1031 0.40 -18.26 9.87
CA GLY B 1031 -0.17 -16.94 10.02
C GLY B 1031 0.06 -16.03 8.83
N TRP B 1032 -0.54 -16.36 7.69
CA TRP B 1032 -0.32 -15.64 6.45
C TRP B 1032 -1.66 -15.17 5.89
N GLU B 1033 -2.03 -13.95 6.24
CA GLU B 1033 -3.21 -13.31 5.70
C GLU B 1033 -3.14 -13.25 4.17
N LEU B 1034 -4.30 -13.08 3.56
CA LEU B 1034 -4.34 -12.77 2.13
C LEU B 1034 -3.80 -11.37 1.89
N ASN B 1035 -3.16 -11.18 0.74
CA ASN B 1035 -2.71 -9.88 0.29
C ASN B 1035 -2.80 -9.87 -1.22
N VAL B 1036 -2.16 -8.88 -1.84
CA VAL B 1036 -2.08 -8.90 -3.29
C VAL B 1036 -1.19 -10.05 -3.75
N LEU B 1037 -0.27 -10.47 -2.90
CA LEU B 1037 0.74 -11.45 -3.29
C LEU B 1037 0.27 -12.88 -3.06
N GLU B 1038 -0.09 -13.22 -1.83
CA GLU B 1038 -0.45 -14.59 -1.52
C GLU B 1038 -1.85 -14.94 -1.97
N SER B 1039 -2.45 -14.13 -2.85
CA SER B 1039 -3.67 -14.52 -3.52
C SER B 1039 -3.39 -15.33 -4.78
N VAL B 1040 -2.53 -14.81 -5.65
CA VAL B 1040 -2.19 -15.53 -6.87
C VAL B 1040 -1.53 -16.85 -6.56
N THR B 1041 -0.89 -16.96 -5.39
CA THR B 1041 -0.25 -18.21 -5.01
C THR B 1041 -1.28 -19.33 -4.92
N ILE B 1042 -2.46 -19.02 -4.40
CA ILE B 1042 -3.51 -20.03 -4.31
C ILE B 1042 -3.77 -20.64 -5.68
N SER B 1043 -4.06 -19.80 -6.68
CA SER B 1043 -4.40 -20.33 -7.99
C SER B 1043 -3.21 -21.01 -8.65
N VAL B 1044 -2.02 -20.43 -8.54
CA VAL B 1044 -0.87 -21.06 -9.18
C VAL B 1044 -0.56 -22.41 -8.55
N ALA B 1045 -0.99 -22.63 -7.30
CA ALA B 1045 -0.73 -23.91 -6.66
C ALA B 1045 -1.37 -25.06 -7.42
N VAL B 1046 -2.58 -24.85 -7.94
CA VAL B 1046 -3.27 -25.91 -8.66
C VAL B 1046 -2.50 -26.26 -9.93
N GLY B 1047 -2.07 -25.24 -10.67
CA GLY B 1047 -1.30 -25.49 -11.88
C GLY B 1047 -0.02 -26.22 -11.58
N LEU B 1048 0.71 -25.78 -10.56
CA LEU B 1048 1.92 -26.48 -10.17
C LEU B 1048 1.62 -27.91 -9.76
N SER B 1049 0.45 -28.16 -9.19
CA SER B 1049 0.17 -29.48 -8.64
C SER B 1049 -0.15 -30.48 -9.74
N VAL B 1050 -1.08 -30.12 -10.64
CA VAL B 1050 -1.48 -31.05 -11.69
C VAL B 1050 -0.30 -31.50 -12.54
N ASN B 1051 0.81 -30.77 -12.47
CA ASN B 1051 1.98 -31.06 -13.30
C ASN B 1051 2.51 -32.46 -13.08
N PHE B 1052 2.20 -33.10 -11.95
CA PHE B 1052 2.69 -34.45 -11.68
C PHE B 1052 1.62 -35.49 -11.95
N ALA B 1053 0.39 -35.20 -11.53
CA ALA B 1053 -0.71 -36.10 -11.82
C ALA B 1053 -0.86 -36.32 -13.31
N VAL B 1054 -0.57 -35.31 -14.13
CA VAL B 1054 -0.71 -35.51 -15.57
C VAL B 1054 0.25 -36.58 -16.06
N HIS B 1055 1.47 -36.60 -15.54
CA HIS B 1055 2.42 -37.64 -15.94
C HIS B 1055 1.98 -38.99 -15.44
N TYR B 1056 1.64 -39.08 -14.16
CA TYR B 1056 1.25 -40.37 -13.62
C TYR B 1056 -0.02 -40.90 -14.27
N GLY B 1057 -0.82 -40.02 -14.88
CA GLY B 1057 -1.99 -40.45 -15.59
C GLY B 1057 -1.66 -40.91 -17.00
N VAL B 1058 -0.91 -40.10 -17.73
CA VAL B 1058 -0.53 -40.49 -19.09
C VAL B 1058 0.31 -41.77 -19.07
N ALA B 1059 0.85 -42.13 -17.91
CA ALA B 1059 1.70 -43.31 -17.82
C ALA B 1059 0.94 -44.61 -17.60
N TYR B 1060 -0.35 -44.71 -17.95
CA TYR B 1060 -1.06 -45.98 -17.81
C TYR B 1060 -0.93 -46.83 -19.07
N ARG B 1061 0.29 -47.26 -19.33
CA ARG B 1061 0.60 -48.09 -20.48
C ARG B 1061 1.12 -49.45 -20.01
N LEU B 1062 1.43 -50.31 -20.97
CA LEU B 1062 1.79 -51.70 -20.72
C LEU B 1062 0.70 -52.40 -19.90
N ALA B 1063 -0.47 -52.50 -20.50
CA ALA B 1063 -1.64 -53.08 -19.84
C ALA B 1063 -1.34 -54.51 -19.41
N PRO B 1064 -1.19 -54.78 -18.12
CA PRO B 1064 -0.84 -56.12 -17.68
C PRO B 1064 -2.08 -56.96 -17.49
N ASP B 1065 -1.90 -58.21 -17.06
CA ASP B 1065 -3.04 -59.02 -16.65
C ASP B 1065 -3.81 -58.38 -15.50
N PRO B 1066 -3.18 -57.98 -14.38
CA PRO B 1066 -3.96 -57.35 -13.31
C PRO B 1066 -4.51 -56.00 -13.75
N ASP B 1067 -5.75 -55.73 -13.34
CA ASP B 1067 -6.32 -54.42 -13.59
C ASP B 1067 -5.57 -53.32 -12.85
N ARG B 1068 -4.82 -53.65 -11.80
CA ARG B 1068 -4.21 -52.61 -10.99
C ARG B 1068 -2.72 -52.81 -10.75
N GLU B 1069 -2.30 -54.05 -10.58
CA GLU B 1069 -1.03 -54.30 -9.88
C GLU B 1069 0.17 -53.83 -10.72
N GLY B 1070 0.40 -54.47 -11.86
CA GLY B 1070 1.61 -54.20 -12.61
C GLY B 1070 1.63 -52.84 -13.26
N LYS B 1071 0.46 -52.34 -13.67
CA LYS B 1071 0.44 -51.09 -14.42
C LYS B 1071 0.93 -49.93 -13.58
N VAL B 1072 0.48 -49.84 -12.32
CA VAL B 1072 0.84 -48.69 -11.51
C VAL B 1072 2.31 -48.76 -11.11
N ILE B 1073 2.81 -49.94 -10.78
CA ILE B 1073 4.22 -50.05 -10.42
C ILE B 1073 5.09 -49.78 -11.64
N PHE B 1074 4.64 -50.17 -12.83
CA PHE B 1074 5.39 -49.87 -14.04
C PHE B 1074 5.43 -48.37 -14.28
N SER B 1075 4.29 -47.70 -14.20
CA SER B 1075 4.24 -46.26 -14.38
C SER B 1075 5.15 -45.55 -13.39
N LEU B 1076 5.06 -45.94 -12.13
CA LEU B 1076 5.89 -45.33 -11.09
C LEU B 1076 7.37 -45.52 -11.41
N SER B 1077 7.78 -46.76 -11.66
CA SER B 1077 9.18 -47.01 -11.98
C SER B 1077 9.62 -46.26 -13.22
N ARG B 1078 8.69 -45.99 -14.14
CA ARG B 1078 9.06 -45.33 -15.38
C ARG B 1078 9.27 -43.83 -15.19
N VAL B 1079 8.45 -43.18 -14.36
CA VAL B 1079 8.47 -41.72 -14.26
C VAL B 1079 9.07 -41.24 -12.94
N GLY B 1080 9.59 -42.16 -12.13
CA GLY B 1080 10.14 -41.80 -10.84
C GLY B 1080 11.15 -40.69 -10.83
N SER B 1081 12.32 -40.94 -11.43
CA SER B 1081 13.38 -39.93 -11.39
C SER B 1081 12.96 -38.65 -12.08
N ALA B 1082 12.19 -38.77 -13.16
CA ALA B 1082 11.70 -37.59 -13.85
C ALA B 1082 10.96 -36.66 -12.90
N MET B 1083 9.90 -37.17 -12.27
CA MET B 1083 9.11 -36.32 -11.39
C MET B 1083 9.92 -35.89 -10.18
N ALA B 1084 10.74 -36.77 -9.63
CA ALA B 1084 11.49 -36.43 -8.42
C ALA B 1084 12.44 -35.28 -8.67
N MET B 1085 13.19 -35.34 -9.76
CA MET B 1085 14.11 -34.24 -10.06
C MET B 1085 13.34 -32.98 -10.44
N ALA B 1086 12.28 -33.13 -11.23
CA ALA B 1086 11.47 -31.97 -11.60
C ALA B 1086 10.90 -31.27 -10.38
N ALA B 1087 10.74 -31.98 -9.27
CA ALA B 1087 10.34 -31.31 -8.05
C ALA B 1087 11.53 -30.74 -7.31
N LEU B 1088 12.54 -31.57 -7.05
CA LEU B 1088 13.66 -31.17 -6.21
C LEU B 1088 14.36 -29.93 -6.75
N THR B 1089 14.33 -29.71 -8.06
CA THR B 1089 14.95 -28.52 -8.62
C THR B 1089 14.31 -27.25 -8.03
N THR B 1090 13.01 -27.06 -8.25
CA THR B 1090 12.37 -25.87 -7.73
C THR B 1090 12.39 -25.87 -6.21
N PHE B 1091 12.32 -27.04 -5.58
CA PHE B 1091 12.41 -27.07 -4.13
C PHE B 1091 13.68 -26.41 -3.65
N VAL B 1092 14.83 -26.87 -4.15
CA VAL B 1092 16.09 -26.33 -3.65
C VAL B 1092 16.24 -24.88 -4.09
N ALA B 1093 15.68 -24.52 -5.24
CA ALA B 1093 15.70 -23.11 -5.66
C ALA B 1093 15.03 -22.23 -4.60
N GLY B 1094 13.74 -22.49 -4.37
CA GLY B 1094 13.03 -21.73 -3.35
C GLY B 1094 13.66 -21.83 -1.97
N ALA B 1095 14.29 -22.97 -1.67
CA ALA B 1095 14.87 -23.15 -0.36
C ALA B 1095 16.07 -22.24 -0.14
N MET B 1096 17.00 -22.22 -1.10
CA MET B 1096 18.11 -21.29 -0.98
C MET B 1096 17.66 -19.85 -1.13
N MET B 1097 16.52 -19.62 -1.76
CA MET B 1097 15.99 -18.26 -1.86
C MET B 1097 15.64 -17.66 -0.52
N MET B 1098 15.27 -18.48 0.46
CA MET B 1098 14.51 -18.05 1.64
C MET B 1098 15.07 -16.83 2.35
N PRO B 1099 16.28 -16.89 2.91
CA PRO B 1099 16.70 -15.78 3.79
C PRO B 1099 16.98 -14.51 3.03
N SER B 1100 16.09 -13.54 3.16
CA SER B 1100 16.21 -12.27 2.47
C SER B 1100 15.54 -11.20 3.33
N THR B 1101 15.33 -10.02 2.75
CA THR B 1101 14.70 -8.92 3.48
C THR B 1101 13.34 -8.56 2.91
N VAL B 1102 13.26 -8.24 1.62
CA VAL B 1102 11.97 -7.90 1.04
C VAL B 1102 11.03 -9.07 1.19
N LEU B 1103 9.83 -8.81 1.69
CA LEU B 1103 8.92 -9.90 2.02
C LEU B 1103 8.67 -10.79 0.82
N ALA B 1104 8.20 -10.19 -0.28
CA ALA B 1104 7.78 -10.94 -1.47
C ALA B 1104 8.70 -12.10 -1.80
N TYR B 1105 10.01 -11.88 -1.70
CA TYR B 1105 10.96 -12.94 -2.02
C TYR B 1105 10.79 -14.13 -1.09
N THR B 1106 10.98 -13.92 0.21
CA THR B 1106 10.90 -15.06 1.12
C THR B 1106 9.50 -15.66 1.16
N GLN B 1107 8.48 -14.81 1.00
CA GLN B 1107 7.11 -15.29 0.86
C GLN B 1107 7.00 -16.32 -0.23
N LEU B 1108 7.36 -15.93 -1.46
CA LEU B 1108 7.25 -16.84 -2.58
C LEU B 1108 8.15 -18.05 -2.40
N GLY B 1109 9.33 -17.86 -1.81
CA GLY B 1109 10.22 -18.97 -1.61
C GLY B 1109 9.61 -20.05 -0.73
N THR B 1110 9.10 -19.63 0.43
CA THR B 1110 8.46 -20.61 1.32
C THR B 1110 7.26 -21.25 0.64
N PHE B 1111 6.44 -20.45 -0.03
CA PHE B 1111 5.27 -21.03 -0.67
C PHE B 1111 5.67 -22.09 -1.68
N MET B 1112 6.68 -21.82 -2.50
CA MET B 1112 7.02 -22.80 -3.52
C MET B 1112 7.65 -24.03 -2.91
N MET B 1113 8.48 -23.85 -1.88
CA MET B 1113 9.03 -25.01 -1.19
C MET B 1113 7.91 -25.93 -0.72
N LEU B 1114 6.93 -25.37 -0.03
CA LEU B 1114 5.83 -26.18 0.48
C LEU B 1114 5.05 -26.83 -0.65
N ILE B 1115 4.67 -26.03 -1.65
CA ILE B 1115 3.80 -26.58 -2.68
C ILE B 1115 4.51 -27.66 -3.46
N MET B 1116 5.81 -27.55 -3.66
CA MET B 1116 6.51 -28.58 -4.42
C MET B 1116 6.68 -29.84 -3.58
N CYS B 1117 7.16 -29.70 -2.35
CA CYS B 1117 7.27 -30.87 -1.48
C CYS B 1117 5.94 -31.63 -1.44
N ILE B 1118 4.87 -30.91 -1.13
CA ILE B 1118 3.57 -31.56 -1.00
C ILE B 1118 3.13 -32.16 -2.32
N SER B 1119 3.18 -31.37 -3.39
CA SER B 1119 2.72 -31.88 -4.67
C SER B 1119 3.42 -33.17 -5.03
N TRP B 1120 4.76 -33.21 -4.91
CA TRP B 1120 5.46 -34.44 -5.23
C TRP B 1120 5.02 -35.58 -4.34
N ALA B 1121 5.20 -35.44 -3.03
CA ALA B 1121 4.96 -36.56 -2.13
C ALA B 1121 3.53 -37.04 -2.23
N PHE B 1122 2.58 -36.11 -2.08
CA PHE B 1122 1.17 -36.40 -2.26
C PHE B 1122 0.92 -37.10 -3.58
N ALA B 1123 1.25 -36.45 -4.70
CA ALA B 1123 1.04 -37.00 -6.02
C ALA B 1123 1.47 -38.46 -6.08
N THR B 1124 2.75 -38.73 -5.85
CA THR B 1124 3.21 -40.10 -5.94
C THR B 1124 2.45 -41.01 -4.98
N PHE B 1125 2.68 -40.81 -3.67
CA PHE B 1125 2.15 -41.75 -2.68
C PHE B 1125 0.66 -41.97 -2.88
N PHE B 1126 -0.12 -40.90 -2.75
CA PHE B 1126 -1.56 -40.96 -2.89
C PHE B 1126 -1.97 -41.47 -4.26
N PHE B 1127 -1.70 -40.71 -5.32
CA PHE B 1127 -2.32 -40.98 -6.61
C PHE B 1127 -1.83 -42.29 -7.20
N GLN B 1128 -0.91 -42.98 -6.53
CA GLN B 1128 -0.80 -44.40 -6.80
C GLN B 1128 -1.55 -45.26 -5.79
N CYS B 1129 -1.59 -44.87 -4.52
CA CYS B 1129 -2.28 -45.65 -3.51
C CYS B 1129 -3.76 -45.81 -3.85
N MET B 1130 -4.45 -44.69 -4.08
CA MET B 1130 -5.84 -44.76 -4.51
C MET B 1130 -5.96 -45.59 -5.78
N CYS B 1131 -5.06 -45.37 -6.74
CA CYS B 1131 -5.05 -46.18 -7.94
C CYS B 1131 -4.71 -47.63 -7.63
N ARG B 1132 -3.87 -47.87 -6.63
CA ARG B 1132 -3.60 -49.25 -6.22
C ARG B 1132 -4.89 -49.97 -5.84
N CYS B 1133 -5.86 -49.24 -5.32
CA CYS B 1133 -7.14 -49.80 -4.91
C CYS B 1133 -8.29 -49.37 -5.82
N LEU B 1134 -8.04 -49.25 -7.11
CA LEU B 1134 -9.12 -49.00 -8.06
C LEU B 1134 -8.70 -49.50 -9.43
N GLY B 1135 -9.67 -49.97 -10.20
CA GLY B 1135 -9.42 -50.43 -11.54
C GLY B 1135 -9.85 -49.41 -12.56
N PRO B 1136 -8.90 -48.74 -13.18
CA PRO B 1136 -9.21 -47.70 -14.17
C PRO B 1136 -9.52 -48.22 -15.57
N GLN B 1137 -9.72 -49.52 -15.76
CA GLN B 1137 -9.96 -50.04 -17.11
C GLN B 1137 -11.33 -49.64 -17.66
N GLY B 1138 -12.14 -48.94 -16.87
CA GLY B 1138 -13.37 -48.36 -17.39
C GLY B 1138 -13.16 -46.92 -17.83
N THR B 1139 -13.18 -46.70 -19.14
CA THR B 1139 -12.90 -45.37 -19.69
C THR B 1139 -13.88 -45.09 -20.81
N CYS B 1140 -13.65 -43.99 -21.51
CA CYS B 1140 -14.42 -43.64 -22.68
C CYS B 1140 -13.48 -43.15 -23.76
N GLY B 1141 -13.46 -43.85 -24.89
CA GLY B 1141 -12.62 -43.47 -26.01
C GLY B 1141 -13.44 -43.17 -27.24
N GLN B 1142 -13.06 -42.12 -27.97
CA GLN B 1142 -13.79 -41.67 -29.14
C GLN B 1142 -13.01 -41.84 -30.44
N ILE B 1143 -11.77 -41.37 -30.47
CA ILE B 1143 -10.92 -41.52 -31.64
C ILE B 1143 -9.54 -42.02 -31.19
N PRO B 1144 -9.02 -43.11 -31.74
CA PRO B 1144 -7.68 -43.56 -31.39
C PRO B 1144 -6.56 -42.79 -32.07
N LEU B 1145 -6.90 -41.78 -32.87
CA LEU B 1145 -5.87 -41.06 -33.62
C LEU B 1145 -4.84 -40.36 -32.74
N PRO B 1146 -5.18 -39.69 -31.64
CA PRO B 1146 -4.15 -38.98 -30.88
C PRO B 1146 -3.11 -39.94 -30.29
N LYS B 1147 -1.88 -39.43 -30.14
CA LYS B 1147 -0.80 -40.15 -29.51
C LYS B 1147 -0.14 -39.28 -28.45
N LYS B 1148 0.66 -39.90 -27.60
CA LYS B 1148 1.36 -39.19 -26.54
C LYS B 1148 2.51 -40.03 -25.99
#